data_4Z4D
#
_entry.id   4Z4D
#
_cell.length_a   55.738
_cell.length_b   117.016
_cell.length_c   69.874
_cell.angle_alpha   90.00
_cell.angle_beta   92.43
_cell.angle_gamma   90.00
#
_symmetry.space_group_name_H-M   'P 1 21 1'
#
loop_
_entity.id
_entity.type
_entity.pdbx_description
1 polymer 'Protein argonaute-2'
2 polymer "RNA (5'-R(P*UP*UP*CP*AP*CP*AP*UP*UP*GP*CP*CP*CP*AP*AP*GP*UP*CP*UP*UP*U)-3')"
3 polymer "RNA (5'-R(*CP*AP*AP*UP*GP*UP*GP*AP*G)-3')"
4 non-polymer 'MAGNESIUM ION'
5 non-polymer PHENOL
6 non-polymer 'ISOPROPYL ALCOHOL'
7 water water
#
loop_
_entity_poly.entity_id
_entity_poly.type
_entity_poly.pdbx_seq_one_letter_code
_entity_poly.pdbx_strand_id
1 'polypeptide(L)'
;MYSGAGPALAPPAPPPPIQGYAFKPPPRPDFGTSGRTIKLQANFFEMDIPKIDIYHYELDIKPEKCPRRVNREIVEHMVQ
HFKTQIFGDRKPVFDGRKNLYTAMPLPIGRDKVELEVTLPGEGKDRIFKVSIKWVSCVSLQALHDALSGRLPSVPFETIQ
ALDVVMRHLPSMRYTPVGRSFFTASEGCSNPLGGGREVWFGFHQSVRPSLWKMMLNIDVSATAFYKAQPVIEFVCEVLDF
KSIEEQQKPLTDSQRVKFTKEIKGLKVEITHCGQMKRKYRVCNVTRRPASHQTFPLQQESGQTVECTVAQYFKDRHKLVL
RYPHLPCLQVGQEQKHTYLPLEVCNIVAGQRCIKKLTDNQTSTMIRATARSAPDRQEEISKLMRSADFNTDPYVREFGIM
VKDEMTDVTGRVLQPPSILYGGRNKAIATPVQGVWDMRNKQFHTGIEIKVWAIACFAPQRQCTEVHLKSFTEQLRKISRD
AGMPIQGQPCFCKYAQGADSVEPMFRHLKNTYAGLQLVVVILPGKTPVYAEVKRVGDTVLGMATQCVQMKNVQRTTPQTL
SNLCLKINVKLGGVNNILLPQGRPPVFQQPVIFLGADVTHPPAGDGKKPSIAAVVGSMDAHPNRYCATVRVQQHRQEIIQ
DLAAMVRELLIQFYKSTRFKPTRIIFYRDGVSEGQFQQVLHHELLAIREACIKLEKDYQPGITFIVVQKRHHTRLFCTDK
NERVGKSGNIPAGTTVDTKITHPTEFDFYLCSHAGIQGTSRPSHYHVLWDDNRFSSDELQILTYQLCHTYVRCTRSVSIP
APAYYAHLVAFRARYHLVDKEHDSAEGSHTSGQSNGRDHQALAKAVQVHQDTLRTMYFA
;
A
2 'polyribonucleotide' UUCACAUUGCCCAAGUCUCUU B
3 'polyribonucleotide' CAAUGUGAGAA D
#
loop_
_chem_comp.id
_chem_comp.type
_chem_comp.name
_chem_comp.formula
A RNA linking ADENOSINE-5'-MONOPHOSPHATE 'C10 H14 N5 O7 P'
C RNA linking CYTIDINE-5'-MONOPHOSPHATE 'C9 H14 N3 O8 P'
G RNA linking GUANOSINE-5'-MONOPHOSPHATE 'C10 H14 N5 O8 P'
IPA non-polymer 'ISOPROPYL ALCOHOL' 'C3 H8 O'
IPH non-polymer PHENOL 'C6 H6 O'
MG non-polymer 'MAGNESIUM ION' 'Mg 2'
U RNA linking URIDINE-5'-MONOPHOSPHATE 'C9 H13 N2 O9 P'
#
# COMPACT_ATOMS: atom_id res chain seq x y z
N ALA A 22 9.42 2.72 -26.88
CA ALA A 22 8.36 3.02 -25.94
C ALA A 22 7.83 1.74 -25.31
N PHE A 23 8.69 0.72 -25.25
CA PHE A 23 8.28 -0.63 -24.93
C PHE A 23 9.25 -1.40 -24.03
N LYS A 24 10.40 -1.79 -24.55
CA LYS A 24 11.18 -2.75 -23.79
C LYS A 24 12.10 -2.02 -22.80
N PRO A 25 12.13 -2.45 -21.54
CA PRO A 25 13.03 -1.76 -20.59
C PRO A 25 14.50 -1.95 -20.96
N PRO A 26 15.31 -0.98 -20.56
CA PRO A 26 16.72 -1.06 -20.91
C PRO A 26 17.44 -2.14 -20.10
N PRO A 27 18.55 -2.63 -20.67
CA PRO A 27 19.38 -3.54 -19.88
C PRO A 27 20.06 -2.83 -18.75
N ARG A 28 20.40 -3.58 -17.73
CA ARG A 28 21.27 -3.02 -16.69
C ARG A 28 22.56 -2.51 -17.34
N PRO A 29 22.94 -1.26 -17.08
CA PRO A 29 24.13 -0.72 -17.80
C PRO A 29 25.48 -1.23 -17.26
N ASP A 30 25.51 -1.56 -15.97
CA ASP A 30 26.68 -1.87 -15.17
C ASP A 30 26.18 -2.16 -13.75
N PHE A 31 27.11 -2.52 -12.87
CA PHE A 31 26.78 -2.60 -11.46
C PHE A 31 27.36 -1.45 -10.67
N GLY A 32 26.67 -1.04 -9.61
CA GLY A 32 27.12 0.08 -8.79
C GLY A 32 28.41 -0.28 -8.04
N THR A 33 29.21 0.75 -7.77
CA THR A 33 30.52 0.57 -7.13
C THR A 33 30.66 1.42 -5.87
N SER A 34 29.77 2.39 -5.71
CA SER A 34 29.89 3.38 -4.65
C SER A 34 29.48 2.82 -3.28
N GLY A 35 30.22 3.21 -2.23
CA GLY A 35 29.83 2.88 -0.87
C GLY A 35 30.45 1.65 -0.25
N ARG A 36 30.67 1.66 1.06
CA ARG A 36 31.26 0.53 1.74
C ARG A 36 30.34 -0.71 1.69
N THR A 37 30.92 -1.90 1.74
CA THR A 37 30.09 -3.12 1.68
C THR A 37 29.46 -3.50 3.01
N ILE A 38 28.30 -4.14 2.89
CA ILE A 38 27.64 -4.72 4.07
C ILE A 38 27.11 -6.12 3.73
N LYS A 39 27.30 -7.06 4.65
CA LYS A 39 26.80 -8.43 4.47
C LYS A 39 25.30 -8.44 4.84
N LEU A 40 24.47 -8.91 3.89
CA LEU A 40 23.02 -9.01 4.13
C LEU A 40 22.46 -10.39 3.91
N GLN A 41 21.27 -10.63 4.46
CA GLN A 41 20.50 -11.82 4.17
C GLN A 41 19.15 -11.36 3.63
N ALA A 42 18.67 -12.02 2.59
CA ALA A 42 17.37 -11.63 2.03
C ALA A 42 16.39 -12.81 2.17
N ASN A 43 15.09 -12.47 2.29
CA ASN A 43 14.09 -13.54 2.43
C ASN A 43 13.73 -14.15 1.05
N PHE A 44 14.79 -14.50 0.32
CA PHE A 44 14.71 -15.18 -0.97
C PHE A 44 15.42 -16.50 -0.79
N PHE A 45 14.78 -17.59 -1.20
CA PHE A 45 15.34 -18.93 -0.97
C PHE A 45 15.60 -19.59 -2.31
N GLU A 46 16.86 -19.98 -2.55
CA GLU A 46 17.26 -20.43 -3.87
C GLU A 46 16.55 -21.73 -4.26
N MET A 47 16.10 -21.80 -5.50
CA MET A 47 15.46 -23.01 -6.03
C MET A 47 16.33 -23.70 -7.04
N ASP A 48 16.34 -25.02 -6.95
CA ASP A 48 16.95 -25.83 -8.00
C ASP A 48 15.84 -26.40 -8.87
N ILE A 49 15.93 -26.11 -10.16
CA ILE A 49 14.87 -26.45 -11.09
C ILE A 49 15.44 -27.42 -12.11
N PRO A 50 14.74 -28.53 -12.38
CA PRO A 50 15.25 -29.47 -13.40
C PRO A 50 15.28 -28.83 -14.77
N LYS A 51 15.96 -29.49 -15.70
CA LYS A 51 16.08 -28.96 -17.05
C LYS A 51 15.29 -29.81 -18.01
N ILE A 52 14.02 -30.03 -17.70
CA ILE A 52 13.15 -30.87 -18.53
C ILE A 52 11.91 -30.09 -18.96
N ASP A 53 11.27 -30.56 -20.02
CA ASP A 53 10.00 -30.04 -20.46
C ASP A 53 8.94 -30.50 -19.52
N ILE A 54 7.85 -29.78 -19.46
CA ILE A 54 6.73 -30.17 -18.64
C ILE A 54 5.50 -29.85 -19.44
N TYR A 55 4.37 -30.45 -19.08
CA TYR A 55 3.23 -30.38 -19.97
C TYR A 55 2.05 -29.61 -19.49
N HIS A 56 1.51 -28.80 -20.37
CA HIS A 56 0.41 -27.95 -20.06
C HIS A 56 -0.87 -28.33 -20.76
N TYR A 57 -1.93 -28.51 -19.98
CA TYR A 57 -3.21 -28.92 -20.49
C TYR A 57 -4.25 -27.92 -20.13
N GLU A 58 -5.23 -27.72 -20.98
CA GLU A 58 -6.32 -26.83 -20.66
C GLU A 58 -7.53 -27.60 -20.23
N LEU A 59 -8.10 -27.19 -19.11
CA LEU A 59 -9.19 -27.87 -18.48
C LEU A 59 -10.38 -26.99 -18.49
N ASP A 60 -11.52 -27.58 -18.80
CA ASP A 60 -12.78 -26.87 -18.76
C ASP A 60 -13.75 -27.61 -17.84
N ILE A 61 -14.29 -26.89 -16.87
CA ILE A 61 -15.23 -27.47 -15.91
C ILE A 61 -16.63 -26.88 -16.10
N LYS A 62 -17.62 -27.72 -16.39
CA LYS A 62 -19.00 -27.26 -16.46
C LYS A 62 -19.85 -27.92 -15.37
N PRO A 63 -20.56 -27.10 -14.57
CA PRO A 63 -20.66 -25.64 -14.65
C PRO A 63 -19.39 -24.91 -14.22
N GLU A 64 -19.22 -23.67 -14.69
CA GLU A 64 -17.96 -22.94 -14.50
C GLU A 64 -18.07 -21.82 -13.45
N LYS A 65 -19.27 -21.60 -12.92
CA LYS A 65 -19.44 -20.55 -11.91
C LYS A 65 -18.91 -20.91 -10.53
N CYS A 66 -18.23 -22.04 -10.42
CA CYS A 66 -17.77 -22.55 -9.12
C CYS A 66 -16.58 -21.76 -8.56
N PRO A 67 -16.57 -21.54 -7.24
CA PRO A 67 -15.36 -20.95 -6.63
C PRO A 67 -14.10 -21.73 -6.95
N ARG A 68 -12.99 -21.02 -7.03
CA ARG A 68 -11.71 -21.64 -7.33
C ARG A 68 -11.41 -22.87 -6.47
N ARG A 69 -11.70 -22.75 -5.18
CA ARG A 69 -11.45 -23.87 -4.28
C ARG A 69 -12.27 -25.12 -4.64
N VAL A 70 -13.51 -24.92 -5.11
CA VAL A 70 -14.36 -26.03 -5.53
C VAL A 70 -13.78 -26.72 -6.78
N ASN A 71 -13.32 -25.91 -7.73
CA ASN A 71 -12.63 -26.43 -8.91
C ASN A 71 -11.43 -27.29 -8.57
N ARG A 72 -10.60 -26.82 -7.62
CA ARG A 72 -9.45 -27.58 -7.12
C ARG A 72 -9.88 -28.94 -6.53
N GLU A 73 -11.02 -28.94 -5.86
CA GLU A 73 -11.57 -30.16 -5.28
C GLU A 73 -11.99 -31.13 -6.36
N ILE A 74 -12.60 -30.59 -7.41
CA ILE A 74 -13.08 -31.37 -8.54
C ILE A 74 -11.94 -32.10 -9.22
N VAL A 75 -10.84 -31.36 -9.42
CA VAL A 75 -9.69 -31.91 -10.11
C VAL A 75 -8.95 -32.90 -9.22
N GLU A 76 -9.01 -32.68 -7.90
CA GLU A 76 -8.44 -33.64 -6.97
C GLU A 76 -9.18 -34.99 -7.02
N HIS A 77 -10.51 -34.94 -6.89
CA HIS A 77 -11.34 -36.15 -6.98
C HIS A 77 -11.17 -36.81 -8.33
N MET A 78 -11.07 -35.99 -9.38
CA MET A 78 -10.91 -36.50 -10.73
C MET A 78 -9.61 -37.28 -10.90
N VAL A 79 -8.51 -36.73 -10.40
CA VAL A 79 -7.21 -37.38 -10.52
C VAL A 79 -7.18 -38.74 -9.83
N GLN A 80 -7.65 -38.80 -8.59
CA GLN A 80 -7.67 -40.06 -7.85
C GLN A 80 -8.58 -41.07 -8.53
N HIS A 81 -9.74 -40.62 -8.97
CA HIS A 81 -10.71 -41.52 -9.56
C HIS A 81 -10.25 -42.10 -10.90
N PHE A 82 -9.71 -41.25 -11.78
CA PHE A 82 -9.33 -41.70 -13.11
C PHE A 82 -7.85 -42.04 -13.19
N LYS A 83 -7.25 -42.43 -12.06
CA LYS A 83 -5.83 -42.77 -12.06
C LYS A 83 -5.56 -43.97 -12.96
N THR A 84 -6.53 -44.87 -13.06
CA THR A 84 -6.42 -46.05 -13.89
C THR A 84 -6.30 -45.69 -15.37
N GLN A 85 -7.31 -45.00 -15.88
CA GLN A 85 -7.35 -44.60 -17.27
C GLN A 85 -6.22 -43.63 -17.64
N ILE A 86 -5.94 -42.65 -16.76
CA ILE A 86 -5.07 -41.54 -17.16
C ILE A 86 -3.86 -41.24 -16.25
N PHE A 87 -4.05 -41.13 -14.95
CA PHE A 87 -2.96 -40.67 -14.09
C PHE A 87 -2.32 -41.82 -13.33
N GLY A 88 -1.33 -42.45 -13.95
CA GLY A 88 -0.58 -43.50 -13.31
C GLY A 88 0.71 -42.95 -12.76
N ASP A 89 0.78 -42.86 -11.43
CA ASP A 89 1.95 -42.34 -10.71
C ASP A 89 2.17 -40.84 -10.95
N ARG A 90 1.30 -40.21 -11.73
CA ARG A 90 1.48 -38.79 -12.03
C ARG A 90 0.71 -37.92 -11.07
N LYS A 91 1.38 -36.87 -10.59
CA LYS A 91 0.78 -35.92 -9.67
C LYS A 91 0.70 -34.54 -10.31
N PRO A 92 -0.44 -34.28 -11.00
CA PRO A 92 -0.70 -33.01 -11.68
C PRO A 92 -0.82 -31.86 -10.70
N VAL A 93 -0.41 -30.66 -11.12
CA VAL A 93 -0.77 -29.47 -10.38
C VAL A 93 -1.77 -28.66 -11.20
N PHE A 94 -2.52 -27.81 -10.51
CA PHE A 94 -3.70 -27.16 -11.08
C PHE A 94 -3.85 -25.75 -10.52
N ASP A 95 -4.24 -24.79 -11.35
CA ASP A 95 -4.38 -23.42 -10.89
C ASP A 95 -5.74 -23.04 -10.40
N GLY A 96 -6.67 -23.97 -10.42
CA GLY A 96 -8.00 -23.75 -9.92
C GLY A 96 -8.91 -23.11 -10.93
N ARG A 97 -8.40 -22.90 -12.12
CA ARG A 97 -9.17 -22.34 -13.18
C ARG A 97 -9.12 -23.26 -14.38
N LYS A 98 -8.17 -23.05 -15.25
CA LYS A 98 -8.12 -23.80 -16.51
C LYS A 98 -6.75 -24.41 -16.83
N ASN A 99 -5.79 -24.30 -15.92
CA ASN A 99 -4.45 -24.77 -16.24
C ASN A 99 -3.96 -25.92 -15.38
N LEU A 100 -3.65 -27.02 -16.04
CA LEU A 100 -3.14 -28.24 -15.44
C LEU A 100 -1.75 -28.57 -15.97
N TYR A 101 -0.82 -28.91 -15.09
CA TYR A 101 0.54 -29.28 -15.47
C TYR A 101 0.96 -30.64 -14.94
N THR A 102 1.71 -31.39 -15.75
CA THR A 102 2.29 -32.65 -15.31
C THR A 102 3.77 -32.67 -15.64
N ALA A 103 4.53 -33.47 -14.89
CA ALA A 103 5.98 -33.54 -15.08
C ALA A 103 6.34 -34.53 -16.20
N MET A 104 5.48 -35.52 -16.40
CA MET A 104 5.61 -36.47 -17.49
C MET A 104 4.32 -36.44 -18.31
N PRO A 105 4.40 -36.79 -19.61
CA PRO A 105 3.21 -36.69 -20.45
C PRO A 105 2.07 -37.59 -19.97
N LEU A 106 0.84 -37.09 -20.07
CA LEU A 106 -0.34 -37.91 -19.84
C LEU A 106 -0.61 -38.73 -21.09
N PRO A 107 -1.17 -39.95 -20.92
CA PRO A 107 -1.47 -40.81 -22.07
C PRO A 107 -2.74 -40.36 -22.79
N ILE A 108 -2.82 -39.07 -23.07
CA ILE A 108 -3.97 -38.43 -23.69
C ILE A 108 -3.78 -38.25 -25.19
N GLY A 109 -2.53 -38.04 -25.58
CA GLY A 109 -2.22 -37.55 -26.91
C GLY A 109 -2.46 -36.05 -26.94
N ARG A 110 -2.87 -35.55 -28.10
CA ARG A 110 -3.32 -34.16 -28.21
C ARG A 110 -4.85 -34.14 -28.20
N ASP A 111 -5.45 -35.32 -28.15
CA ASP A 111 -6.90 -35.45 -28.18
C ASP A 111 -7.54 -34.90 -26.92
N LYS A 112 -8.71 -34.31 -27.06
CA LYS A 112 -9.46 -33.86 -25.88
C LYS A 112 -10.19 -35.06 -25.29
N VAL A 113 -10.36 -35.07 -23.97
CA VAL A 113 -11.18 -36.09 -23.35
C VAL A 113 -12.25 -35.43 -22.48
N GLU A 114 -13.49 -35.89 -22.60
CA GLU A 114 -14.54 -35.44 -21.69
C GLU A 114 -14.64 -36.43 -20.53
N LEU A 115 -14.56 -35.92 -19.31
CA LEU A 115 -14.59 -36.74 -18.12
C LEU A 115 -15.75 -36.34 -17.25
N GLU A 116 -16.38 -37.33 -16.64
CA GLU A 116 -17.48 -37.10 -15.73
C GLU A 116 -16.96 -37.35 -14.32
N VAL A 117 -17.06 -36.34 -13.48
CA VAL A 117 -16.51 -36.45 -12.14
C VAL A 117 -17.60 -36.14 -11.14
N THR A 118 -17.82 -37.06 -10.22
CA THR A 118 -18.82 -36.85 -9.18
C THR A 118 -18.14 -36.30 -7.94
N LEU A 119 -18.74 -35.26 -7.37
CA LEU A 119 -18.15 -34.57 -6.23
C LEU A 119 -19.06 -34.67 -5.02
N PRO A 120 -18.54 -35.19 -3.90
CA PRO A 120 -19.26 -35.27 -2.63
C PRO A 120 -19.07 -34.03 -1.78
N ILE A 127 -20.63 -34.22 -9.92
CA ILE A 127 -21.72 -33.88 -10.83
C ILE A 127 -21.22 -32.94 -11.93
N PHE A 128 -19.98 -33.14 -12.36
CA PHE A 128 -19.35 -32.21 -13.30
C PHE A 128 -18.84 -32.88 -14.57
N LYS A 129 -18.73 -32.08 -15.62
CA LYS A 129 -18.06 -32.53 -16.84
C LYS A 129 -16.73 -31.80 -16.95
N VAL A 130 -15.68 -32.55 -17.18
CA VAL A 130 -14.36 -32.02 -17.28
C VAL A 130 -13.70 -32.44 -18.56
N SER A 131 -13.25 -31.48 -19.34
CA SER A 131 -12.51 -31.75 -20.55
C SER A 131 -11.06 -31.47 -20.34
N ILE A 132 -10.21 -32.37 -20.81
CA ILE A 132 -8.82 -32.13 -20.68
C ILE A 132 -8.14 -32.09 -22.03
N LYS A 133 -7.70 -30.91 -22.45
CA LYS A 133 -7.07 -30.73 -23.75
C LYS A 133 -5.64 -30.24 -23.62
N TRP A 134 -4.69 -30.95 -24.22
CA TRP A 134 -3.33 -30.48 -24.18
C TRP A 134 -3.16 -29.21 -24.95
N VAL A 135 -2.24 -28.39 -24.50
CA VAL A 135 -2.00 -27.16 -25.19
C VAL A 135 -0.55 -26.86 -25.54
N SER A 136 0.39 -27.29 -24.71
CA SER A 136 1.79 -27.04 -25.01
C SER A 136 2.77 -27.75 -24.14
N CYS A 137 4.01 -27.65 -24.53
CA CYS A 137 5.11 -28.02 -23.69
C CYS A 137 5.88 -26.81 -23.18
N VAL A 138 6.15 -26.78 -21.89
CA VAL A 138 6.88 -25.70 -21.28
C VAL A 138 8.26 -26.19 -21.04
N SER A 139 9.21 -25.45 -21.52
CA SER A 139 10.60 -25.85 -21.41
C SER A 139 11.30 -25.20 -20.23
N LEU A 140 11.76 -26.01 -19.28
CA LEU A 140 12.46 -25.41 -18.14
C LEU A 140 13.91 -25.11 -18.54
N GLN A 141 14.41 -25.80 -19.57
CA GLN A 141 15.74 -25.48 -20.09
C GLN A 141 15.79 -24.01 -20.53
N ALA A 142 14.73 -23.55 -21.19
CA ALA A 142 14.66 -22.19 -21.71
C ALA A 142 14.73 -21.17 -20.60
N LEU A 143 14.08 -21.49 -19.48
CA LEU A 143 14.09 -20.62 -18.31
C LEU A 143 15.50 -20.46 -17.78
N HIS A 144 16.23 -21.56 -17.64
CA HIS A 144 17.67 -21.53 -17.31
C HIS A 144 18.46 -20.60 -18.24
N ASP A 145 18.26 -20.75 -19.54
CA ASP A 145 18.97 -19.92 -20.51
C ASP A 145 18.64 -18.45 -20.33
N ALA A 146 17.38 -18.15 -20.05
CA ALA A 146 16.94 -16.78 -19.83
C ALA A 146 17.52 -16.20 -18.53
N LEU A 147 17.81 -17.06 -17.55
CA LEU A 147 18.37 -16.58 -16.29
C LEU A 147 19.84 -16.23 -16.45
N SER A 148 20.53 -16.97 -17.31
CA SER A 148 21.92 -16.70 -17.65
C SER A 148 22.04 -15.65 -18.76
N GLY A 149 20.95 -14.92 -19.01
CA GLY A 149 20.96 -13.85 -19.99
C GLY A 149 21.29 -14.25 -21.41
N ARG A 150 21.31 -15.55 -21.69
CA ARG A 150 21.43 -16.03 -23.07
C ARG A 150 20.22 -15.58 -23.88
N LEU A 151 19.03 -16.03 -23.47
CA LEU A 151 17.79 -15.55 -24.05
C LEU A 151 17.47 -14.16 -23.51
N PRO A 152 17.09 -13.22 -24.40
CA PRO A 152 16.93 -11.81 -24.05
C PRO A 152 15.81 -11.52 -23.06
N SER A 153 14.86 -12.46 -22.92
CA SER A 153 13.72 -12.21 -22.05
C SER A 153 13.31 -13.42 -21.22
N VAL A 154 12.61 -13.12 -20.13
CA VAL A 154 12.12 -14.13 -19.21
C VAL A 154 10.75 -14.68 -19.66
N PRO A 155 10.68 -16.00 -19.92
CA PRO A 155 9.44 -16.65 -20.35
C PRO A 155 8.39 -16.65 -19.23
N PHE A 156 7.43 -15.73 -19.29
CA PHE A 156 6.44 -15.56 -18.22
C PHE A 156 5.69 -16.86 -17.95
N GLU A 157 5.27 -17.52 -19.02
CA GLU A 157 4.45 -18.71 -18.90
C GLU A 157 5.16 -19.84 -18.16
N THR A 158 6.49 -19.84 -18.21
CA THR A 158 7.28 -20.82 -17.50
C THR A 158 7.30 -20.49 -16.01
N ILE A 159 7.47 -19.21 -15.70
CA ILE A 159 7.44 -18.79 -14.31
C ILE A 159 6.06 -19.04 -13.75
N GLN A 160 5.04 -18.90 -14.60
CA GLN A 160 3.66 -19.13 -14.17
C GLN A 160 3.46 -20.60 -13.77
N ALA A 161 4.05 -21.49 -14.56
CA ALA A 161 3.93 -22.92 -14.31
C ALA A 161 4.57 -23.29 -12.97
N LEU A 162 5.74 -22.72 -12.69
CA LEU A 162 6.44 -23.01 -11.46
C LEU A 162 5.61 -22.48 -10.29
N ASP A 163 4.99 -21.31 -10.49
CA ASP A 163 4.14 -20.78 -9.44
C ASP A 163 2.96 -21.74 -9.12
N VAL A 164 2.36 -22.31 -10.16
CA VAL A 164 1.27 -23.24 -9.94
C VAL A 164 1.76 -24.48 -9.18
N VAL A 165 2.96 -24.96 -9.50
CA VAL A 165 3.51 -26.10 -8.77
C VAL A 165 3.63 -25.79 -7.28
N MET A 166 4.27 -24.66 -6.98
CA MET A 166 4.47 -24.26 -5.59
C MET A 166 3.20 -23.92 -4.83
N ARG A 167 2.14 -23.47 -5.53
CA ARG A 167 0.90 -23.10 -4.83
C ARG A 167 -0.10 -24.25 -4.68
N HIS A 168 0.14 -25.36 -5.37
CA HIS A 168 -0.88 -26.40 -5.49
C HIS A 168 -1.38 -26.93 -4.13
N LEU A 169 -0.48 -27.46 -3.32
CA LEU A 169 -0.87 -28.04 -2.03
C LEU A 169 -1.26 -26.96 -0.99
N PRO A 170 -0.46 -25.89 -0.84
CA PRO A 170 -0.91 -24.89 0.14
C PRO A 170 -2.27 -24.27 -0.18
N SER A 171 -2.67 -24.23 -1.47
CA SER A 171 -3.97 -23.67 -1.87
C SER A 171 -5.16 -24.47 -1.39
N MET A 172 -4.90 -25.74 -1.11
CA MET A 172 -5.92 -26.66 -0.62
C MET A 172 -5.79 -26.89 0.90
N ARG A 173 -4.57 -26.86 1.42
CA ARG A 173 -4.34 -27.06 2.85
C ARG A 173 -4.66 -25.83 3.69
N TYR A 174 -4.34 -24.66 3.14
CA TYR A 174 -4.47 -23.39 3.82
C TYR A 174 -5.49 -22.53 3.13
N THR A 175 -5.77 -21.37 3.70
CA THR A 175 -6.65 -20.43 3.05
C THR A 175 -5.84 -19.40 2.24
N PRO A 176 -5.98 -19.42 0.90
CA PRO A 176 -5.28 -18.42 0.07
C PRO A 176 -5.91 -17.04 0.23
N VAL A 177 -5.08 -16.03 0.40
CA VAL A 177 -5.47 -14.63 0.35
C VAL A 177 -4.43 -13.92 -0.50
N GLY A 178 -4.78 -13.51 -1.71
CA GLY A 178 -3.75 -12.89 -2.53
C GLY A 178 -2.65 -13.90 -2.85
N ARG A 179 -1.40 -13.49 -2.67
CA ARG A 179 -0.27 -14.39 -2.88
C ARG A 179 0.17 -15.06 -1.59
N SER A 180 -0.68 -14.95 -0.55
CA SER A 180 -0.39 -15.50 0.75
C SER A 180 -1.27 -16.70 1.10
N PHE A 181 -0.90 -17.35 2.18
CA PHE A 181 -1.66 -18.48 2.71
C PHE A 181 -1.80 -18.32 4.19
N PHE A 182 -3.00 -18.55 4.73
CA PHE A 182 -3.25 -18.34 6.16
C PHE A 182 -3.84 -19.57 6.77
N THR A 183 -3.59 -19.78 8.07
CA THR A 183 -4.19 -20.86 8.82
C THR A 183 -4.39 -20.48 10.27
N ALA A 184 -5.29 -21.15 10.97
CA ALA A 184 -5.42 -20.88 12.37
C ALA A 184 -4.19 -21.43 13.07
N SER A 185 -3.70 -20.76 14.10
CA SER A 185 -2.45 -21.22 14.72
C SER A 185 -2.74 -22.41 15.62
N GLU A 186 -1.84 -23.38 15.64
CA GLU A 186 -1.98 -24.52 16.54
C GLU A 186 -1.58 -24.18 17.97
N GLY A 187 -2.42 -24.51 18.93
CA GLY A 187 -2.04 -24.34 20.31
C GLY A 187 -2.19 -22.97 20.92
N CYS A 188 -2.59 -21.97 20.15
CA CYS A 188 -2.92 -20.71 20.77
C CYS A 188 -4.03 -19.97 20.03
N SER A 189 -4.48 -18.89 20.63
CA SER A 189 -5.55 -18.11 20.02
C SER A 189 -5.19 -16.65 20.19
N ASN A 190 -5.51 -15.88 19.19
CA ASN A 190 -5.31 -14.46 19.22
C ASN A 190 -6.64 -13.79 18.95
N PRO A 191 -7.55 -13.80 19.95
CA PRO A 191 -8.87 -13.18 19.77
C PRO A 191 -8.73 -11.66 19.59
N LEU A 192 -9.60 -11.08 18.79
CA LEU A 192 -9.65 -9.63 18.60
C LEU A 192 -10.91 -9.05 19.22
N GLY A 193 -11.80 -9.94 19.68
CA GLY A 193 -13.11 -9.54 20.14
C GLY A 193 -13.99 -9.36 18.92
N GLY A 194 -15.30 -9.29 19.11
CA GLY A 194 -16.22 -9.15 18.00
C GLY A 194 -16.33 -10.32 17.04
N GLY A 195 -16.00 -11.53 17.49
CA GLY A 195 -16.09 -12.71 16.64
C GLY A 195 -14.89 -12.85 15.69
N ARG A 196 -13.86 -12.02 15.89
CA ARG A 196 -12.68 -12.03 15.00
C ARG A 196 -11.43 -12.49 15.74
N GLU A 197 -10.43 -12.96 14.99
CA GLU A 197 -9.18 -13.42 15.60
C GLU A 197 -8.07 -13.27 14.58
N VAL A 198 -6.84 -13.24 15.06
CA VAL A 198 -5.70 -13.13 14.16
C VAL A 198 -5.34 -14.50 13.62
N TRP A 199 -5.15 -14.59 12.31
CA TRP A 199 -4.48 -15.76 11.72
C TRP A 199 -3.11 -15.36 11.18
N PHE A 200 -2.13 -16.22 11.39
CA PHE A 200 -0.80 -15.96 10.86
C PHE A 200 -0.66 -16.70 9.56
N GLY A 201 0.24 -16.23 8.71
CA GLY A 201 0.41 -16.88 7.43
C GLY A 201 1.71 -16.46 6.77
N PHE A 202 1.80 -16.71 5.47
CA PHE A 202 3.01 -16.35 4.75
C PHE A 202 2.69 -15.98 3.32
N HIS A 203 3.45 -15.02 2.82
CA HIS A 203 3.52 -14.73 1.40
C HIS A 203 4.44 -15.71 0.70
N GLN A 204 4.08 -16.13 -0.51
CA GLN A 204 4.96 -16.95 -1.32
C GLN A 204 4.93 -16.52 -2.77
N SER A 205 6.10 -16.35 -3.39
CA SER A 205 6.13 -16.07 -4.82
C SER A 205 7.41 -16.61 -5.39
N VAL A 206 7.38 -16.89 -6.69
CA VAL A 206 8.53 -17.42 -7.42
C VAL A 206 9.09 -16.30 -8.29
N ARG A 207 10.39 -16.01 -8.19
CA ARG A 207 10.97 -14.88 -8.91
C ARG A 207 12.25 -15.28 -9.61
N PRO A 208 12.45 -14.80 -10.85
CA PRO A 208 13.78 -14.96 -11.44
C PRO A 208 14.76 -13.97 -10.81
N SER A 209 16.05 -14.28 -10.90
CA SER A 209 17.07 -13.34 -10.41
C SER A 209 18.35 -13.53 -11.21
N LEU A 210 19.35 -12.73 -10.89
CA LEU A 210 20.67 -12.79 -11.52
C LEU A 210 21.35 -14.09 -11.20
N TRP A 211 20.90 -14.72 -10.12
CA TRP A 211 21.60 -15.90 -9.65
C TRP A 211 20.83 -17.17 -10.05
N LYS A 212 19.76 -17.47 -9.34
CA LYS A 212 18.92 -18.64 -9.62
C LYS A 212 17.43 -18.21 -9.62
N MET A 213 16.52 -19.15 -9.85
CA MET A 213 15.13 -18.91 -9.46
C MET A 213 15.09 -18.81 -7.94
N MET A 214 14.24 -17.92 -7.43
CA MET A 214 14.14 -17.71 -5.97
C MET A 214 12.72 -17.89 -5.49
N LEU A 215 12.56 -18.50 -4.32
CA LEU A 215 11.27 -18.49 -3.64
C LEU A 215 11.29 -17.37 -2.62
N ASN A 216 10.40 -16.39 -2.78
CA ASN A 216 10.33 -15.26 -1.87
C ASN A 216 9.28 -15.60 -0.82
N ILE A 217 9.68 -15.63 0.46
CA ILE A 217 8.78 -15.97 1.56
C ILE A 217 8.78 -14.89 2.62
N ASP A 218 7.61 -14.47 3.09
CA ASP A 218 7.57 -13.52 4.20
C ASP A 218 6.45 -13.95 5.11
N VAL A 219 6.51 -13.53 6.37
CA VAL A 219 5.42 -13.88 7.26
C VAL A 219 4.40 -12.72 7.25
N SER A 220 3.14 -13.03 7.56
CA SER A 220 2.15 -11.98 7.68
C SER A 220 1.05 -12.45 8.62
N ALA A 221 0.11 -11.56 8.85
CA ALA A 221 -1.01 -11.88 9.73
C ALA A 221 -2.18 -11.05 9.24
N THR A 222 -3.40 -11.57 9.46
CA THR A 222 -4.59 -10.84 9.05
C THR A 222 -5.76 -11.32 9.87
N ALA A 223 -6.85 -10.58 9.87
CA ALA A 223 -7.99 -10.97 10.67
C ALA A 223 -8.92 -11.96 9.97
N PHE A 224 -9.41 -12.95 10.72
CA PHE A 224 -10.38 -13.95 10.27
C PHE A 224 -11.54 -14.02 11.27
N TYR A 225 -12.69 -14.48 10.80
CA TYR A 225 -13.77 -14.77 11.75
C TYR A 225 -13.53 -16.10 12.43
N LYS A 226 -13.73 -16.14 13.75
CA LYS A 226 -13.62 -17.40 14.47
C LYS A 226 -14.69 -18.38 14.01
N ALA A 227 -14.31 -19.63 13.75
CA ALA A 227 -15.29 -20.68 13.57
C ALA A 227 -15.89 -21.02 14.93
N GLN A 228 -17.09 -20.50 15.17
CA GLN A 228 -17.72 -20.69 16.47
C GLN A 228 -19.23 -20.70 16.25
N PRO A 229 -19.98 -21.22 17.23
CA PRO A 229 -21.43 -21.18 17.08
C PRO A 229 -21.92 -19.74 16.94
N VAL A 230 -22.97 -19.54 16.15
CA VAL A 230 -23.49 -18.20 15.94
C VAL A 230 -23.93 -17.57 17.27
N ILE A 231 -24.42 -18.40 18.19
CA ILE A 231 -24.80 -17.91 19.52
C ILE A 231 -23.61 -17.25 20.20
N GLU A 232 -22.43 -17.86 20.10
CA GLU A 232 -21.23 -17.28 20.68
C GLU A 232 -20.87 -15.99 19.96
N PHE A 233 -21.02 -16.02 18.64
CA PHE A 233 -20.75 -14.85 17.80
C PHE A 233 -21.62 -13.68 18.25
N VAL A 234 -22.89 -13.96 18.46
CA VAL A 234 -23.82 -12.92 18.93
C VAL A 234 -23.32 -12.31 20.23
N CYS A 235 -22.97 -13.18 21.19
CA CYS A 235 -22.44 -12.73 22.47
C CYS A 235 -21.21 -11.82 22.30
N GLU A 236 -20.25 -12.17 21.44
CA GLU A 236 -19.08 -11.31 21.28
C GLU A 236 -19.41 -9.98 20.64
N VAL A 237 -20.47 -9.94 19.83
CA VAL A 237 -20.75 -8.73 19.06
C VAL A 237 -21.62 -7.78 19.89
N LEU A 238 -22.48 -8.35 20.73
CA LEU A 238 -23.34 -7.54 21.58
C LEU A 238 -22.78 -7.38 23.00
N ASP A 239 -21.56 -7.86 23.21
CA ASP A 239 -20.85 -7.74 24.49
C ASP A 239 -21.60 -8.42 25.63
N PHE A 240 -22.05 -9.65 25.41
CA PHE A 240 -22.66 -10.49 26.44
C PHE A 240 -21.61 -11.44 27.00
N LYS A 241 -21.67 -11.71 28.30
CA LYS A 241 -20.78 -12.73 28.87
C LYS A 241 -21.37 -14.09 28.56
N SER A 242 -22.69 -14.14 28.46
CA SER A 242 -23.43 -15.33 28.06
C SER A 242 -24.76 -14.86 27.51
N ILE A 243 -25.45 -15.71 26.77
CA ILE A 243 -26.73 -15.31 26.20
C ILE A 243 -27.85 -15.27 27.23
N GLU A 244 -27.63 -15.91 28.37
CA GLU A 244 -28.64 -15.92 29.42
C GLU A 244 -28.88 -14.49 29.95
N GLU A 245 -27.94 -13.59 29.70
CA GLU A 245 -28.10 -12.16 29.94
C GLU A 245 -29.29 -11.56 29.19
N GLN A 246 -29.41 -11.93 27.93
CA GLN A 246 -30.47 -11.41 27.08
C GLN A 246 -31.72 -12.24 27.32
N GLN A 247 -32.48 -11.81 28.33
CA GLN A 247 -33.77 -12.40 28.72
C GLN A 247 -34.75 -12.46 27.57
N LYS A 248 -35.02 -11.28 27.03
CA LYS A 248 -36.10 -11.06 26.07
C LYS A 248 -35.53 -11.02 24.66
N PRO A 249 -36.38 -10.77 23.64
CA PRO A 249 -35.89 -10.41 22.31
C PRO A 249 -34.89 -9.25 22.32
N LEU A 250 -34.04 -9.20 21.29
CA LEU A 250 -33.09 -8.11 21.16
C LEU A 250 -33.82 -6.81 20.92
N THR A 251 -33.22 -5.72 21.40
CA THR A 251 -33.67 -4.38 21.05
C THR A 251 -33.37 -4.17 19.57
N ASP A 252 -34.10 -3.29 18.91
CA ASP A 252 -33.79 -2.96 17.52
C ASP A 252 -32.35 -2.55 17.37
N SER A 253 -31.85 -1.83 18.37
CA SER A 253 -30.47 -1.38 18.39
C SER A 253 -29.48 -2.55 18.38
N GLN A 254 -29.76 -3.56 19.21
CA GLN A 254 -28.94 -4.77 19.27
C GLN A 254 -29.07 -5.59 17.99
N ARG A 255 -30.31 -5.80 17.56
CA ARG A 255 -30.55 -6.62 16.38
C ARG A 255 -29.91 -5.98 15.14
N VAL A 256 -29.98 -4.66 15.04
CA VAL A 256 -29.33 -4.00 13.92
C VAL A 256 -27.82 -4.11 14.00
N LYS A 257 -27.25 -3.99 15.19
CA LYS A 257 -25.80 -4.14 15.36
C LYS A 257 -25.33 -5.54 14.96
N PHE A 258 -26.11 -6.55 15.35
CA PHE A 258 -25.81 -7.94 15.03
C PHE A 258 -25.90 -8.18 13.53
N THR A 259 -26.95 -7.64 12.91
CA THR A 259 -27.20 -7.81 11.47
C THR A 259 -26.05 -7.26 10.64
N LYS A 260 -25.56 -6.09 11.03
CA LYS A 260 -24.41 -5.47 10.35
C LYS A 260 -23.19 -6.41 10.32
N GLU A 261 -22.96 -7.13 11.40
CA GLU A 261 -21.76 -7.96 11.52
C GLU A 261 -21.87 -9.30 10.81
N ILE A 262 -23.07 -9.90 10.78
CA ILE A 262 -23.15 -11.26 10.24
C ILE A 262 -23.63 -11.32 8.79
N LYS A 263 -24.21 -10.24 8.29
CA LYS A 263 -24.71 -10.25 6.92
C LYS A 263 -23.53 -10.43 5.96
N GLY A 264 -23.67 -11.38 5.04
CA GLY A 264 -22.66 -11.68 4.05
C GLY A 264 -21.73 -12.79 4.47
N LEU A 265 -21.80 -13.20 5.74
CA LEU A 265 -20.93 -14.29 6.19
C LEU A 265 -21.58 -15.64 5.90
N LYS A 266 -20.72 -16.65 5.78
CA LYS A 266 -21.15 -18.00 5.56
C LYS A 266 -21.34 -18.72 6.88
N VAL A 267 -22.43 -19.48 7.00
CA VAL A 267 -22.65 -20.27 8.19
C VAL A 267 -22.88 -21.72 7.74
N GLU A 268 -22.74 -22.66 8.68
CA GLU A 268 -23.01 -24.06 8.38
C GLU A 268 -23.91 -24.65 9.45
N ILE A 269 -24.69 -25.63 9.05
CA ILE A 269 -25.58 -26.29 9.97
C ILE A 269 -25.01 -27.63 10.46
N LYS A 276 -22.85 -30.06 7.14
CA LYS A 276 -23.01 -30.45 5.74
C LYS A 276 -23.37 -29.24 4.86
N ARG A 277 -24.50 -28.60 5.15
CA ARG A 277 -24.97 -27.45 4.36
C ARG A 277 -24.23 -26.16 4.71
N LYS A 278 -23.69 -25.48 3.69
CA LYS A 278 -23.15 -24.14 3.87
C LYS A 278 -24.06 -23.08 3.21
N TYR A 279 -24.12 -21.90 3.81
CA TYR A 279 -25.05 -20.86 3.38
C TYR A 279 -24.46 -19.50 3.60
N ARG A 280 -24.77 -18.54 2.74
CA ARG A 280 -24.43 -17.16 3.06
C ARG A 280 -25.64 -16.45 3.70
N VAL A 281 -25.37 -15.67 4.73
CA VAL A 281 -26.43 -14.96 5.46
C VAL A 281 -26.75 -13.68 4.70
N CYS A 282 -28.02 -13.45 4.41
CA CYS A 282 -28.39 -12.24 3.69
C CYS A 282 -29.19 -11.29 4.55
N ASN A 283 -29.68 -11.78 5.69
CA ASN A 283 -30.39 -10.91 6.61
C ASN A 283 -30.62 -11.56 7.97
N VAL A 284 -31.13 -10.79 8.92
CA VAL A 284 -31.59 -11.36 10.20
C VAL A 284 -33.05 -11.02 10.35
N THR A 285 -33.87 -12.00 10.74
CA THR A 285 -35.32 -11.74 10.83
C THR A 285 -35.62 -10.75 11.94
N ARG A 286 -36.74 -10.06 11.79
CA ARG A 286 -37.17 -9.09 12.77
C ARG A 286 -37.84 -9.83 13.92
N ARG A 287 -38.53 -10.90 13.58
CA ARG A 287 -39.26 -11.70 14.56
C ARG A 287 -38.41 -12.80 15.15
N PRO A 288 -38.68 -13.18 16.41
CA PRO A 288 -38.01 -14.34 17.02
C PRO A 288 -38.41 -15.64 16.31
N ALA A 289 -37.57 -16.68 16.42
CA ALA A 289 -37.88 -17.98 15.84
C ALA A 289 -39.26 -18.49 16.27
N SER A 290 -39.64 -18.14 17.49
CA SER A 290 -40.92 -18.58 18.03
C SER A 290 -42.09 -18.03 17.23
N HIS A 291 -41.92 -16.86 16.60
CA HIS A 291 -43.07 -16.27 15.91
C HIS A 291 -42.79 -15.86 14.48
N GLN A 292 -41.53 -15.97 14.07
CA GLN A 292 -41.19 -15.87 12.65
C GLN A 292 -41.83 -17.02 11.88
N THR A 293 -42.53 -16.70 10.80
CA THR A 293 -43.24 -17.71 10.04
C THR A 293 -42.84 -17.73 8.57
N PHE A 294 -43.03 -18.87 7.93
CA PHE A 294 -42.88 -19.00 6.49
C PHE A 294 -44.03 -19.85 5.96
N PRO A 295 -44.37 -19.71 4.68
CA PRO A 295 -45.42 -20.56 4.11
C PRO A 295 -44.95 -22.00 3.83
N GLU A 305 -48.94 -21.95 6.39
CA GLU A 305 -47.84 -21.10 6.83
C GLU A 305 -47.43 -21.45 8.26
N CYS A 306 -46.12 -21.59 8.48
CA CYS A 306 -45.62 -22.20 9.71
C CYS A 306 -44.48 -21.44 10.37
N THR A 307 -44.38 -21.54 11.71
CA THR A 307 -43.33 -20.83 12.43
C THR A 307 -42.00 -21.59 12.33
N VAL A 308 -40.91 -20.89 12.60
CA VAL A 308 -39.59 -21.51 12.51
C VAL A 308 -39.37 -22.50 13.65
N ALA A 309 -39.67 -22.09 14.88
CA ALA A 309 -39.50 -22.98 16.01
C ALA A 309 -40.38 -24.21 15.86
N GLN A 310 -41.60 -24.05 15.35
CA GLN A 310 -42.48 -25.22 15.23
C GLN A 310 -42.03 -26.15 14.10
N TYR A 311 -41.47 -25.58 13.04
CA TYR A 311 -40.99 -26.38 11.92
C TYR A 311 -39.86 -27.34 12.34
N PHE A 312 -38.96 -26.85 13.19
CA PHE A 312 -37.85 -27.65 13.67
C PHE A 312 -38.29 -28.67 14.72
N LYS A 313 -39.38 -28.38 15.41
CA LYS A 313 -39.93 -29.35 16.33
C LYS A 313 -40.47 -30.52 15.51
N ASP A 314 -41.36 -30.22 14.57
CA ASP A 314 -42.03 -31.25 13.80
C ASP A 314 -41.08 -32.03 12.87
N ARG A 315 -40.29 -31.32 12.07
CA ARG A 315 -39.50 -31.96 11.04
C ARG A 315 -38.18 -32.56 11.55
N HIS A 316 -37.51 -31.84 12.44
CA HIS A 316 -36.19 -32.26 12.90
C HIS A 316 -36.18 -32.70 14.36
N LYS A 317 -37.36 -32.75 14.97
CA LYS A 317 -37.49 -33.19 16.36
C LYS A 317 -36.58 -32.43 17.31
N LEU A 318 -36.49 -31.12 17.09
CA LEU A 318 -35.58 -30.28 17.84
C LEU A 318 -36.29 -29.12 18.55
N VAL A 319 -36.16 -29.06 19.88
CA VAL A 319 -36.73 -27.97 20.67
C VAL A 319 -35.68 -26.89 20.92
N LEU A 320 -35.92 -25.71 20.37
CA LEU A 320 -35.01 -24.64 20.51
C LEU A 320 -34.88 -24.16 21.92
N ARG A 321 -33.67 -23.97 22.36
CA ARG A 321 -33.43 -23.11 23.46
C ARG A 321 -33.46 -21.79 22.75
N TYR A 322 -33.48 -20.70 23.47
CA TYR A 322 -33.39 -19.38 22.82
C TYR A 322 -34.40 -19.13 21.70
N PRO A 323 -35.73 -19.50 21.99
CA PRO A 323 -36.68 -19.23 20.90
C PRO A 323 -36.97 -17.76 20.75
N HIS A 324 -36.58 -16.99 21.75
CA HIS A 324 -36.72 -15.55 21.71
C HIS A 324 -35.76 -14.84 20.81
N LEU A 325 -34.73 -15.54 20.36
CA LEU A 325 -33.81 -14.97 19.40
C LEU A 325 -34.25 -15.03 17.94
N PRO A 326 -33.70 -14.02 17.12
CA PRO A 326 -34.11 -14.06 15.70
C PRO A 326 -33.52 -15.18 14.85
N CYS A 327 -33.92 -15.36 13.58
CA CYS A 327 -33.35 -16.36 12.70
C CYS A 327 -32.40 -15.71 11.71
N LEU A 328 -31.42 -16.46 11.23
CA LEU A 328 -30.68 -15.97 10.07
C LEU A 328 -31.45 -16.26 8.78
N GLN A 329 -31.59 -15.25 7.93
CA GLN A 329 -32.10 -15.55 6.60
C GLN A 329 -30.91 -15.83 5.69
N VAL A 330 -30.99 -16.90 4.93
CA VAL A 330 -29.84 -17.33 4.12
C VAL A 330 -30.28 -17.70 2.71
N GLY A 331 -29.32 -17.77 1.79
CA GLY A 331 -29.62 -18.11 0.41
C GLY A 331 -30.16 -16.93 -0.36
N GLN A 332 -31.19 -17.18 -1.17
CA GLN A 332 -31.82 -16.10 -1.95
C GLN A 332 -32.64 -15.19 -1.04
N GLU A 333 -32.24 -13.93 -0.97
CA GLU A 333 -32.92 -12.94 -0.12
C GLU A 333 -34.38 -12.78 -0.53
N GLN A 334 -34.68 -13.16 -1.77
CA GLN A 334 -36.05 -13.13 -2.27
C GLN A 334 -36.84 -14.37 -1.86
N LYS A 335 -36.15 -15.38 -1.34
CA LYS A 335 -36.85 -16.57 -0.86
C LYS A 335 -37.03 -16.50 0.66
N HIS A 336 -37.34 -17.61 1.29
CA HIS A 336 -37.66 -17.58 2.72
C HIS A 336 -37.07 -18.76 3.48
N THR A 337 -35.75 -18.85 3.47
CA THR A 337 -35.03 -19.88 4.21
C THR A 337 -34.43 -19.27 5.48
N TYR A 338 -34.93 -19.72 6.63
CA TYR A 338 -34.56 -19.11 7.91
C TYR A 338 -33.97 -20.17 8.84
N LEU A 339 -32.83 -19.86 9.44
CA LEU A 339 -32.17 -20.79 10.34
C LEU A 339 -32.10 -20.20 11.73
N PRO A 340 -32.55 -20.96 12.75
CA PRO A 340 -32.40 -20.46 14.11
C PRO A 340 -30.92 -20.28 14.40
N LEU A 341 -30.54 -19.32 15.24
CA LEU A 341 -29.12 -19.06 15.49
C LEU A 341 -28.41 -20.29 16.03
N GLU A 342 -29.15 -21.06 16.84
CA GLU A 342 -28.63 -22.19 17.61
C GLU A 342 -28.12 -23.37 16.79
N VAL A 343 -28.60 -23.50 15.56
CA VAL A 343 -28.21 -24.61 14.70
C VAL A 343 -27.09 -24.21 13.72
N CYS A 344 -26.53 -23.01 13.90
CA CYS A 344 -25.53 -22.49 12.96
C CYS A 344 -24.15 -22.21 13.57
N ASN A 345 -23.11 -22.51 12.80
CA ASN A 345 -21.76 -22.17 13.16
C ASN A 345 -21.25 -21.24 12.11
N ILE A 346 -20.41 -20.28 12.50
CA ILE A 346 -19.67 -19.51 11.53
C ILE A 346 -18.69 -20.46 10.80
N VAL A 347 -18.75 -20.47 9.47
CA VAL A 347 -17.89 -21.34 8.66
C VAL A 347 -16.43 -20.92 8.81
N ALA A 348 -15.54 -21.90 8.95
CA ALA A 348 -14.14 -21.59 9.16
C ALA A 348 -13.46 -20.97 7.94
N GLY A 349 -12.52 -20.07 8.18
CA GLY A 349 -11.58 -19.62 7.17
C GLY A 349 -12.17 -18.53 6.31
N GLN A 350 -13.03 -17.70 6.88
CA GLN A 350 -13.48 -16.49 6.18
C GLN A 350 -12.71 -15.29 6.67
N ARG A 351 -12.05 -14.61 5.75
CA ARG A 351 -11.24 -13.47 6.09
C ARG A 351 -12.18 -12.32 6.45
N CYS A 352 -11.77 -11.49 7.40
N CYS A 352 -11.79 -11.51 7.42
CA CYS A 352 -12.57 -10.32 7.72
CA CYS A 352 -12.51 -10.27 7.73
C CYS A 352 -12.14 -9.19 6.80
C CYS A 352 -12.11 -9.24 6.71
N ILE A 353 -13.08 -8.68 6.02
CA ILE A 353 -12.81 -7.65 5.01
C ILE A 353 -13.15 -6.26 5.57
N LYS A 354 -14.08 -6.21 6.50
CA LYS A 354 -14.45 -4.94 7.12
C LYS A 354 -13.30 -4.39 7.94
N LYS A 355 -13.22 -3.06 8.03
CA LYS A 355 -12.20 -2.39 8.84
C LYS A 355 -12.30 -2.78 10.31
N LEU A 356 -11.17 -3.06 10.94
CA LEU A 356 -11.14 -3.36 12.36
C LEU A 356 -11.48 -2.13 13.17
N THR A 357 -12.05 -2.32 14.35
CA THR A 357 -12.23 -1.22 15.28
C THR A 357 -10.88 -0.71 15.78
N ASP A 358 -10.88 0.41 16.48
CA ASP A 358 -9.64 0.95 17.01
C ASP A 358 -9.04 -0.01 18.04
N ASN A 359 -9.87 -0.58 18.93
CA ASN A 359 -9.35 -1.56 19.88
C ASN A 359 -8.86 -2.82 19.19
N GLN A 360 -9.58 -3.28 18.17
CA GLN A 360 -9.08 -4.46 17.43
C GLN A 360 -7.73 -4.20 16.75
N THR A 361 -7.60 -3.01 16.18
CA THR A 361 -6.34 -2.61 15.57
C THR A 361 -5.19 -2.61 16.57
N SER A 362 -5.44 -2.01 17.73
CA SER A 362 -4.48 -2.03 18.85
C SER A 362 -3.99 -3.45 19.14
N THR A 363 -4.95 -4.36 19.32
CA THR A 363 -4.63 -5.76 19.61
C THR A 363 -3.85 -6.39 18.47
N MET A 364 -4.24 -6.12 17.23
CA MET A 364 -3.56 -6.66 16.06
C MET A 364 -2.08 -6.23 16.01
N ILE A 365 -1.83 -4.93 16.10
CA ILE A 365 -0.47 -4.38 16.19
C ILE A 365 0.32 -5.10 17.32
N ARG A 366 -0.26 -5.20 18.50
CA ARG A 366 0.45 -5.81 19.64
C ARG A 366 0.81 -7.26 19.36
N ALA A 367 -0.09 -7.97 18.70
CA ALA A 367 0.14 -9.38 18.38
C ALA A 367 1.18 -9.61 17.30
N THR A 368 1.42 -8.61 16.44
CA THR A 368 2.18 -8.89 15.22
C THR A 368 3.45 -8.08 15.03
N ALA A 369 3.62 -7.02 15.82
CA ALA A 369 4.85 -6.20 15.72
C ALA A 369 6.08 -7.03 16.07
N ARG A 370 7.11 -6.91 15.24
CA ARG A 370 8.36 -7.64 15.44
C ARG A 370 9.54 -6.75 15.02
N SER A 371 10.64 -6.77 15.77
CA SER A 371 11.89 -6.16 15.30
C SER A 371 12.42 -6.85 14.08
N ALA A 372 13.42 -6.28 13.39
CA ALA A 372 13.95 -6.96 12.21
C ALA A 372 14.57 -8.32 12.55
N PRO A 373 15.37 -8.40 13.64
CA PRO A 373 15.92 -9.75 13.92
C PRO A 373 14.84 -10.76 14.26
N ASP A 374 13.78 -10.30 14.90
CA ASP A 374 12.69 -11.20 15.27
C ASP A 374 11.92 -11.62 14.00
N ARG A 375 11.73 -10.69 13.07
CA ARG A 375 11.11 -11.03 11.80
C ARG A 375 11.97 -12.01 11.01
N GLN A 376 13.28 -11.79 10.98
CA GLN A 376 14.16 -12.70 10.28
C GLN A 376 14.08 -14.12 10.83
N GLU A 377 14.07 -14.24 12.16
CA GLU A 377 14.00 -15.54 12.80
C GLU A 377 12.63 -16.20 12.52
N GLU A 378 11.57 -15.41 12.45
CA GLU A 378 10.24 -15.96 12.12
C GLU A 378 10.20 -16.53 10.71
N ILE A 379 10.78 -15.81 9.77
CA ILE A 379 10.81 -16.31 8.40
C ILE A 379 11.64 -17.58 8.32
N SER A 380 12.83 -17.55 8.91
CA SER A 380 13.73 -18.70 8.88
C SER A 380 13.07 -19.91 9.54
N LYS A 381 12.40 -19.68 10.65
CA LYS A 381 11.74 -20.76 11.39
C LYS A 381 10.64 -21.36 10.53
N LEU A 382 9.90 -20.51 9.85
CA LEU A 382 8.84 -20.93 8.95
C LEU A 382 9.38 -21.80 7.81
N MET A 383 10.51 -21.41 7.22
CA MET A 383 11.09 -22.19 6.12
C MET A 383 11.50 -23.59 6.54
N ARG A 384 12.20 -23.67 7.66
CA ARG A 384 12.54 -24.98 8.24
C ARG A 384 11.30 -25.84 8.56
N SER A 385 10.16 -25.23 8.85
CA SER A 385 8.98 -26.03 9.21
C SER A 385 8.12 -26.35 7.99
N ALA A 386 8.08 -25.42 7.05
CA ALA A 386 7.28 -25.58 5.83
C ALA A 386 7.73 -26.78 5.03
N ASP A 387 9.03 -27.07 5.08
CA ASP A 387 9.62 -28.22 4.40
C ASP A 387 9.03 -28.41 3.00
N PHE A 388 9.19 -27.39 2.16
CA PHE A 388 8.72 -27.43 0.77
C PHE A 388 9.16 -28.66 0.01
N ASN A 389 10.29 -29.22 0.42
CA ASN A 389 10.88 -30.28 -0.36
C ASN A 389 10.23 -31.65 -0.17
N THR A 390 9.30 -31.77 0.78
CA THR A 390 8.57 -33.04 0.93
C THR A 390 7.12 -32.88 0.47
N ASP A 391 6.78 -31.67 0.05
CA ASP A 391 5.59 -31.45 -0.75
C ASP A 391 5.67 -32.42 -1.94
N PRO A 392 4.71 -33.35 -2.05
CA PRO A 392 4.82 -34.35 -3.12
C PRO A 392 4.66 -33.77 -4.53
N TYR A 393 4.06 -32.58 -4.65
CA TYR A 393 3.94 -31.94 -5.95
C TYR A 393 5.24 -31.24 -6.35
N VAL A 394 5.87 -30.61 -5.36
CA VAL A 394 7.20 -30.06 -5.54
C VAL A 394 8.13 -31.19 -5.94
N ARG A 395 8.02 -32.31 -5.24
CA ARG A 395 8.84 -33.48 -5.54
C ARG A 395 8.60 -34.07 -6.93
N GLU A 396 7.34 -34.15 -7.33
CA GLU A 396 7.00 -34.67 -8.64
C GLU A 396 7.75 -33.87 -9.72
N PHE A 397 7.84 -32.57 -9.51
CA PHE A 397 8.44 -31.70 -10.50
C PHE A 397 9.93 -31.48 -10.28
N GLY A 398 10.53 -32.29 -9.40
CA GLY A 398 11.98 -32.34 -9.24
C GLY A 398 12.63 -31.10 -8.66
N ILE A 399 11.83 -30.27 -7.99
CA ILE A 399 12.30 -28.99 -7.49
C ILE A 399 12.85 -29.13 -6.06
N MET A 400 13.95 -28.44 -5.79
CA MET A 400 14.50 -28.33 -4.44
C MET A 400 14.54 -26.87 -4.01
N VAL A 401 14.23 -26.60 -2.75
CA VAL A 401 14.29 -25.24 -2.21
C VAL A 401 15.27 -25.21 -1.05
N LYS A 402 16.26 -24.30 -1.10
CA LYS A 402 17.18 -24.11 0.02
C LYS A 402 16.44 -23.63 1.29
N ASP A 403 16.84 -24.17 2.44
CA ASP A 403 16.14 -23.82 3.67
C ASP A 403 16.77 -22.64 4.41
N GLU A 404 17.70 -21.97 3.75
CA GLU A 404 18.41 -20.83 4.32
C GLU A 404 18.29 -19.61 3.44
N MET A 405 18.18 -18.43 4.06
CA MET A 405 18.10 -17.17 3.31
C MET A 405 19.31 -16.97 2.42
N THR A 406 19.10 -16.35 1.27
CA THR A 406 20.21 -16.02 0.40
C THR A 406 21.11 -14.95 1.03
N ASP A 407 22.42 -15.18 0.95
CA ASP A 407 23.38 -14.12 1.23
C ASP A 407 23.53 -13.17 0.08
N VAL A 408 23.52 -11.89 0.39
CA VAL A 408 23.76 -10.89 -0.64
C VAL A 408 24.58 -9.74 -0.05
N THR A 409 25.45 -9.16 -0.88
CA THR A 409 26.26 -8.04 -0.45
C THR A 409 25.60 -6.74 -0.87
N GLY A 410 25.40 -5.84 0.10
CA GLY A 410 24.90 -4.49 -0.16
C GLY A 410 26.08 -3.51 -0.17
N ARG A 411 25.80 -2.28 -0.56
CA ARG A 411 26.71 -1.15 -0.36
C ARG A 411 25.93 -0.08 0.39
N VAL A 412 26.59 0.59 1.31
CA VAL A 412 25.92 1.66 2.04
C VAL A 412 26.40 2.98 1.47
N LEU A 413 25.55 3.62 0.72
CA LEU A 413 25.90 4.91 0.08
C LEU A 413 26.14 6.00 1.14
N GLN A 414 27.13 6.85 0.86
CA GLN A 414 27.26 8.07 1.66
C GLN A 414 26.12 9.04 1.43
N PRO A 415 25.67 9.70 2.52
CA PRO A 415 24.57 10.66 2.37
C PRO A 415 25.13 11.95 1.77
N PRO A 416 24.31 12.77 1.14
CA PRO A 416 24.74 14.11 0.74
C PRO A 416 24.89 14.97 1.98
N SER A 417 25.71 15.98 1.86
CA SER A 417 25.69 17.07 2.83
C SER A 417 24.51 18.02 2.53
N ILE A 418 24.01 18.66 3.57
CA ILE A 418 22.79 19.47 3.44
C ILE A 418 23.15 20.91 3.75
N LEU A 419 22.91 21.80 2.81
CA LEU A 419 23.31 23.20 2.99
C LEU A 419 22.17 24.08 3.47
N TYR A 420 22.42 24.80 4.56
CA TYR A 420 21.52 25.78 5.13
C TYR A 420 21.95 27.22 4.77
N GLY A 421 21.27 28.21 5.34
CA GLY A 421 21.44 29.58 4.92
C GLY A 421 21.82 30.49 6.07
N GLY A 422 21.25 31.68 6.07
CA GLY A 422 21.61 32.72 7.04
C GLY A 422 23.03 33.19 6.82
N ARG A 423 23.62 33.80 7.84
CA ARG A 423 25.02 34.22 7.78
C ARG A 423 25.98 33.04 7.63
N ASN A 424 25.82 32.05 8.49
CA ASN A 424 26.77 30.95 8.62
C ASN A 424 26.80 29.97 7.44
N LYS A 425 25.67 29.85 6.74
CA LYS A 425 25.54 28.84 5.69
C LYS A 425 26.03 27.47 6.19
N ALA A 426 25.45 27.03 7.29
CA ALA A 426 25.85 25.80 7.95
C ALA A 426 25.64 24.61 7.04
N ILE A 427 26.52 23.62 7.15
CA ILE A 427 26.33 22.35 6.45
C ILE A 427 26.00 21.31 7.49
N ALA A 428 24.90 20.59 7.27
CA ALA A 428 24.55 19.45 8.11
C ALA A 428 25.01 18.17 7.45
N THR A 429 25.46 17.24 8.28
CA THR A 429 25.91 15.94 7.81
C THR A 429 25.01 14.85 8.38
N PRO A 430 24.20 14.22 7.53
CA PRO A 430 23.36 13.13 8.04
C PRO A 430 24.20 11.99 8.59
N VAL A 431 23.73 11.41 9.69
CA VAL A 431 24.33 10.20 10.26
C VAL A 431 23.19 9.24 10.58
N GLN A 432 23.34 8.01 10.10
CA GLN A 432 22.29 6.98 10.21
C GLN A 432 20.93 7.52 9.81
N GLY A 433 20.91 8.36 8.77
CA GLY A 433 19.66 8.77 8.18
C GLY A 433 19.01 10.03 8.75
N VAL A 434 19.70 10.66 9.69
CA VAL A 434 19.10 11.78 10.42
C VAL A 434 20.07 12.95 10.57
N TRP A 435 19.52 14.17 10.53
CA TRP A 435 20.30 15.33 10.99
C TRP A 435 19.35 16.23 11.75
N ASP A 436 19.80 17.41 12.11
CA ASP A 436 18.92 18.33 12.74
C ASP A 436 19.35 19.75 12.45
N MET A 437 18.46 20.66 12.77
CA MET A 437 18.59 22.04 12.42
C MET A 437 19.13 22.95 13.51
N ARG A 438 19.48 22.38 14.63
CA ARG A 438 20.06 23.21 15.70
C ARG A 438 21.22 24.05 15.18
N ASN A 439 21.18 25.34 15.54
CA ASN A 439 22.16 26.31 15.10
C ASN A 439 22.28 26.50 13.60
N LYS A 440 21.19 26.22 12.88
CA LYS A 440 21.13 26.44 11.44
C LYS A 440 19.90 27.26 11.09
N GLN A 441 20.01 28.00 9.98
CA GLN A 441 18.91 28.84 9.52
C GLN A 441 18.53 28.38 8.13
N PHE A 442 17.27 28.60 7.75
CA PHE A 442 16.83 28.15 6.42
C PHE A 442 17.65 28.78 5.32
N HIS A 443 17.84 28.02 4.25
CA HIS A 443 18.54 28.57 3.05
C HIS A 443 17.91 29.88 2.58
N THR A 444 16.58 29.88 2.46
CA THR A 444 15.83 31.09 2.21
C THR A 444 14.61 31.06 3.15
N GLY A 445 14.67 31.86 4.20
CA GLY A 445 13.58 31.91 5.17
C GLY A 445 12.69 33.09 4.86
N ILE A 446 11.40 32.90 5.10
CA ILE A 446 10.41 33.94 4.84
C ILE A 446 10.23 34.81 6.07
N GLU A 447 10.21 36.12 5.84
CA GLU A 447 9.92 37.02 6.93
C GLU A 447 8.39 37.12 7.07
N ILE A 448 7.85 36.80 8.24
CA ILE A 448 6.41 36.76 8.39
C ILE A 448 5.92 38.02 9.08
N LYS A 449 5.27 38.90 8.32
CA LYS A 449 4.87 40.22 8.84
C LYS A 449 3.40 40.31 9.18
N VAL A 450 2.58 39.53 8.48
CA VAL A 450 1.13 39.64 8.65
C VAL A 450 0.57 38.22 8.75
N TRP A 451 0.07 37.87 9.93
CA TRP A 451 -0.47 36.53 10.15
C TRP A 451 -1.60 36.60 11.16
N ALA A 452 -2.45 35.59 11.12
CA ALA A 452 -3.61 35.56 11.97
C ALA A 452 -3.71 34.19 12.65
N ILE A 453 -4.42 34.17 13.77
CA ILE A 453 -4.82 32.94 14.46
C ILE A 453 -6.33 32.80 14.55
N ALA A 454 -6.82 31.63 14.19
CA ALA A 454 -8.22 31.25 14.32
C ALA A 454 -8.26 30.03 15.23
N CYS A 455 -8.84 30.16 16.42
CA CYS A 455 -8.85 29.02 17.31
C CYS A 455 -10.26 28.40 17.40
N PHE A 456 -10.39 27.19 16.84
CA PHE A 456 -11.66 26.51 16.80
C PHE A 456 -11.81 25.56 17.97
N ALA A 457 -10.78 25.49 18.82
CA ALA A 457 -10.89 24.79 20.10
C ALA A 457 -11.57 25.69 21.14
N PRO A 458 -12.30 25.10 22.07
CA PRO A 458 -13.03 25.91 23.04
C PRO A 458 -12.11 26.71 23.97
N GLN A 459 -12.47 27.97 24.20
CA GLN A 459 -11.67 28.88 25.04
C GLN A 459 -11.41 28.31 26.45
N ARG A 460 -12.36 27.54 26.99
CA ARG A 460 -12.15 26.94 28.33
C ARG A 460 -10.98 25.95 28.40
N GLN A 461 -10.66 25.27 27.29
CA GLN A 461 -9.59 24.30 27.25
C GLN A 461 -8.32 24.90 26.67
N CYS A 462 -8.49 25.74 25.64
CA CYS A 462 -7.34 26.32 24.95
C CYS A 462 -7.42 27.82 25.18
N THR A 463 -6.80 28.27 26.28
CA THR A 463 -7.10 29.59 26.78
C THR A 463 -6.22 30.63 26.09
N GLU A 464 -6.50 31.90 26.39
CA GLU A 464 -5.72 32.97 25.75
C GLU A 464 -4.28 32.90 26.24
N VAL A 465 -4.10 32.42 27.46
CA VAL A 465 -2.78 32.21 28.02
C VAL A 465 -2.08 31.10 27.24
N HIS A 466 -2.77 29.99 26.95
CA HIS A 466 -2.16 28.99 26.06
C HIS A 466 -1.72 29.59 24.72
N LEU A 467 -2.61 30.39 24.12
CA LEU A 467 -2.31 30.92 22.80
C LEU A 467 -1.12 31.88 22.80
N LYS A 468 -1.07 32.71 23.83
CA LYS A 468 0.03 33.66 24.01
C LYS A 468 1.35 32.90 24.19
N SER A 469 1.35 31.87 25.05
CA SER A 469 2.56 31.08 25.27
C SER A 469 3.04 30.35 24.03
N PHE A 470 2.10 29.75 23.30
CA PHE A 470 2.40 29.05 22.06
C PHE A 470 3.00 30.05 21.06
N THR A 471 2.42 31.24 21.00
CA THR A 471 2.91 32.27 20.09
C THR A 471 4.34 32.69 20.42
N GLU A 472 4.61 32.96 21.71
CA GLU A 472 5.96 33.31 22.15
C GLU A 472 6.98 32.24 21.82
N GLN A 473 6.64 30.98 22.08
CA GLN A 473 7.57 29.88 21.78
C GLN A 473 7.77 29.69 20.30
N LEU A 474 6.68 29.79 19.54
CA LEU A 474 6.79 29.67 18.10
C LEU A 474 7.68 30.78 17.51
N ARG A 475 7.52 32.02 18.00
CA ARG A 475 8.29 33.14 17.47
C ARG A 475 9.77 32.95 17.80
N LYS A 476 10.07 32.43 18.99
CA LYS A 476 11.47 32.15 19.34
C LYS A 476 12.11 31.14 18.40
N ILE A 477 11.43 30.02 18.19
CA ILE A 477 11.95 28.97 17.33
C ILE A 477 12.07 29.47 15.90
N SER A 478 11.08 30.24 15.43
CA SER A 478 11.08 30.72 14.05
C SER A 478 12.26 31.71 13.82
N ARG A 479 12.55 32.54 14.80
CA ARG A 479 13.69 33.48 14.68
C ARG A 479 15.00 32.69 14.61
N ASP A 480 15.11 31.66 15.45
CA ASP A 480 16.29 30.82 15.42
C ASP A 480 16.48 30.12 14.06
N ALA A 481 15.38 29.81 13.39
CA ALA A 481 15.41 29.11 12.10
C ALA A 481 15.61 30.06 10.89
N GLY A 482 15.64 31.36 11.14
CA GLY A 482 15.74 32.35 10.07
C GLY A 482 14.43 32.56 9.35
N MET A 483 13.32 32.33 10.04
CA MET A 483 12.01 32.63 9.49
C MET A 483 11.31 33.52 10.52
N PRO A 484 11.74 34.77 10.62
CA PRO A 484 11.30 35.57 11.76
C PRO A 484 9.83 35.95 11.68
N ILE A 485 9.11 35.71 12.76
CA ILE A 485 7.73 36.14 12.91
C ILE A 485 7.83 37.46 13.64
N GLN A 486 7.68 38.53 12.86
CA GLN A 486 8.12 39.85 13.28
C GLN A 486 7.29 40.48 14.38
N GLY A 487 6.07 39.99 14.59
CA GLY A 487 5.26 40.53 15.67
C GLY A 487 4.09 39.63 16.03
N GLN A 488 3.15 40.19 16.79
CA GLN A 488 1.95 39.47 17.18
C GLN A 488 1.05 39.30 15.96
N PRO A 489 0.14 38.34 16.03
CA PRO A 489 -0.79 38.22 14.90
C PRO A 489 -1.67 39.46 14.76
N CYS A 490 -2.17 39.72 13.55
CA CYS A 490 -3.01 40.87 13.27
C CYS A 490 -4.45 40.63 13.72
N PHE A 491 -4.76 39.38 14.02
CA PHE A 491 -6.12 38.91 14.30
C PHE A 491 -5.98 37.60 15.10
N CYS A 492 -6.72 37.47 16.18
CA CYS A 492 -6.74 36.25 17.00
C CYS A 492 -8.14 36.15 17.57
N LYS A 493 -8.92 35.20 17.08
CA LYS A 493 -10.28 35.00 17.55
C LYS A 493 -10.64 33.54 17.69
N TYR A 494 -11.55 33.28 18.61
CA TYR A 494 -12.20 31.99 18.73
C TYR A 494 -13.37 31.87 17.78
N ALA A 495 -13.59 30.64 17.31
CA ALA A 495 -14.76 30.33 16.50
C ALA A 495 -15.18 28.91 16.82
N GLN A 496 -16.41 28.56 16.45
CA GLN A 496 -16.83 27.18 16.64
C GLN A 496 -17.62 26.72 15.41
N GLY A 497 -17.28 25.54 14.92
CA GLY A 497 -18.08 24.86 13.89
C GLY A 497 -17.69 25.18 12.48
N ALA A 498 -17.98 24.23 11.57
CA ALA A 498 -17.58 24.40 10.19
C ALA A 498 -18.23 25.62 9.51
N ASP A 499 -19.44 26.03 9.94
CA ASP A 499 -20.04 27.19 9.32
C ASP A 499 -19.25 28.49 9.48
N SER A 500 -18.41 28.58 10.53
N SER A 500 -18.42 28.59 10.53
CA SER A 500 -17.69 29.83 10.80
CA SER A 500 -17.69 29.84 10.78
C SER A 500 -16.45 30.02 9.94
C SER A 500 -16.45 30.04 9.91
N VAL A 501 -15.98 28.96 9.29
CA VAL A 501 -14.71 29.02 8.56
C VAL A 501 -14.74 29.99 7.38
N GLU A 502 -15.68 29.79 6.46
CA GLU A 502 -15.65 30.62 5.27
C GLU A 502 -15.84 32.13 5.55
N PRO A 503 -16.81 32.49 6.41
CA PRO A 503 -16.99 33.94 6.66
C PRO A 503 -15.77 34.52 7.34
N MET A 504 -15.11 33.75 8.22
CA MET A 504 -13.94 34.30 8.89
C MET A 504 -12.80 34.47 7.90
N PHE A 505 -12.63 33.48 7.04
CA PHE A 505 -11.51 33.54 6.12
C PHE A 505 -11.76 34.63 5.06
N ARG A 506 -13.02 34.80 4.66
CA ARG A 506 -13.32 35.88 3.73
C ARG A 506 -13.06 37.23 4.41
N HIS A 507 -13.45 37.35 5.66
CA HIS A 507 -13.17 38.58 6.40
C HIS A 507 -11.67 38.84 6.44
N LEU A 508 -10.89 37.80 6.72
CA LEU A 508 -9.44 37.97 6.86
C LEU A 508 -8.82 38.42 5.54
N LYS A 509 -9.23 37.75 4.46
CA LYS A 509 -8.66 38.03 3.14
C LYS A 509 -8.98 39.47 2.72
N ASN A 510 -10.19 39.92 3.05
CA ASN A 510 -10.66 41.25 2.65
C ASN A 510 -10.17 42.38 3.54
N THR A 511 -9.66 42.04 4.72
CA THR A 511 -9.38 43.04 5.74
C THR A 511 -7.88 43.28 5.87
N TYR A 512 -7.08 42.22 5.81
CA TYR A 512 -5.66 42.35 6.08
C TYR A 512 -4.79 42.21 4.83
N ALA A 513 -4.39 43.37 4.29
CA ALA A 513 -3.50 43.39 3.16
C ALA A 513 -2.20 42.71 3.54
N GLY A 514 -1.71 41.89 2.63
CA GLY A 514 -0.40 41.29 2.80
C GLY A 514 -0.46 40.08 3.71
N LEU A 515 -1.67 39.66 4.12
CA LEU A 515 -1.81 38.46 4.96
C LEU A 515 -1.05 37.26 4.38
N GLN A 516 -0.19 36.63 5.20
CA GLN A 516 0.64 35.55 4.70
C GLN A 516 0.22 34.18 5.20
N LEU A 517 -0.47 34.14 6.32
CA LEU A 517 -0.72 32.84 6.98
C LEU A 517 -1.84 32.94 7.97
N VAL A 518 -2.72 31.94 7.97
CA VAL A 518 -3.64 31.76 9.09
C VAL A 518 -3.26 30.46 9.82
N VAL A 519 -2.97 30.58 11.10
CA VAL A 519 -2.69 29.43 11.97
C VAL A 519 -4.00 29.04 12.58
N VAL A 520 -4.37 27.79 12.42
CA VAL A 520 -5.70 27.32 12.80
C VAL A 520 -5.60 26.25 13.86
N ILE A 521 -6.12 26.55 15.05
CA ILE A 521 -6.00 25.60 16.18
C ILE A 521 -7.25 24.75 16.24
N LEU A 522 -7.06 23.44 16.28
CA LEU A 522 -8.20 22.50 16.19
C LEU A 522 -8.30 21.65 17.43
N PRO A 523 -9.51 21.34 17.87
CA PRO A 523 -9.62 20.62 19.14
C PRO A 523 -9.09 19.16 19.12
N GLY A 524 -8.81 18.60 17.95
CA GLY A 524 -8.61 17.16 17.79
C GLY A 524 -9.23 16.84 16.44
N LYS A 525 -9.67 15.61 16.27
CA LYS A 525 -10.33 15.21 15.01
C LYS A 525 -11.62 15.99 14.83
N THR A 526 -11.75 16.67 13.70
CA THR A 526 -12.95 17.46 13.48
C THR A 526 -13.20 17.73 11.99
N PRO A 527 -14.47 17.82 11.59
CA PRO A 527 -14.80 18.19 10.20
C PRO A 527 -14.34 19.59 9.86
N VAL A 528 -14.03 20.40 10.86
CA VAL A 528 -13.49 21.72 10.58
C VAL A 528 -12.18 21.67 9.78
N TYR A 529 -11.35 20.64 9.99
CA TYR A 529 -10.12 20.56 9.24
C TYR A 529 -10.37 20.50 7.72
N ALA A 530 -11.24 19.58 7.31
CA ALA A 530 -11.54 19.50 5.86
C ALA A 530 -12.16 20.80 5.35
N GLU A 531 -12.98 21.47 6.15
CA GLU A 531 -13.53 22.74 5.72
C GLU A 531 -12.46 23.85 5.57
N VAL A 532 -11.50 23.89 6.53
CA VAL A 532 -10.41 24.84 6.43
C VAL A 532 -9.62 24.64 5.14
N LYS A 533 -9.34 23.37 4.77
CA LYS A 533 -8.59 23.15 3.55
C LYS A 533 -9.46 23.36 2.30
N ARG A 534 -10.77 23.07 2.38
CA ARG A 534 -11.62 23.44 1.23
C ARG A 534 -11.50 24.94 0.97
N VAL A 535 -11.72 25.72 2.04
CA VAL A 535 -11.77 27.15 1.90
C VAL A 535 -10.39 27.75 1.57
N GLY A 536 -9.37 27.35 2.32
CA GLY A 536 -8.02 27.83 2.06
C GLY A 536 -7.47 27.43 0.72
N ASP A 537 -7.54 26.14 0.42
CA ASP A 537 -6.81 25.66 -0.76
C ASP A 537 -7.61 25.93 -2.03
N THR A 538 -8.95 25.84 -1.94
CA THR A 538 -9.72 25.79 -3.19
C THR A 538 -10.66 26.97 -3.37
N VAL A 539 -11.18 27.56 -2.29
CA VAL A 539 -12.19 28.65 -2.47
C VAL A 539 -11.52 30.02 -2.53
N LEU A 540 -10.58 30.27 -1.61
CA LEU A 540 -9.98 31.60 -1.44
C LEU A 540 -8.48 31.68 -1.74
N GLY A 541 -7.74 30.57 -1.75
CA GLY A 541 -6.31 30.62 -2.07
C GLY A 541 -5.51 31.29 -0.97
N MET A 542 -5.62 30.79 0.26
CA MET A 542 -4.93 31.39 1.45
C MET A 542 -4.15 30.32 2.16
N ALA A 543 -2.90 30.60 2.51
CA ALA A 543 -2.11 29.63 3.25
C ALA A 543 -2.68 29.38 4.66
N THR A 544 -2.77 28.10 5.06
CA THR A 544 -3.24 27.77 6.41
C THR A 544 -2.28 26.76 6.99
N GLN A 545 -2.06 26.85 8.30
CA GLN A 545 -1.32 25.83 9.01
C GLN A 545 -2.14 25.40 10.22
N CYS A 546 -2.66 24.18 10.24
CA CYS A 546 -3.42 23.71 11.37
C CYS A 546 -2.51 23.11 12.42
N VAL A 547 -2.96 23.20 13.67
CA VAL A 547 -2.21 22.64 14.80
C VAL A 547 -3.23 22.10 15.76
N GLN A 548 -3.02 20.90 16.31
CA GLN A 548 -3.93 20.41 17.34
C GLN A 548 -3.77 21.14 18.63
N MET A 549 -4.89 21.35 19.33
CA MET A 549 -4.84 22.01 20.64
C MET A 549 -3.82 21.41 21.60
N LYS A 550 -3.65 20.09 21.62
CA LYS A 550 -2.71 19.53 22.58
C LYS A 550 -1.30 20.05 22.35
N ASN A 551 -0.95 20.40 21.11
CA ASN A 551 0.38 20.89 20.77
C ASN A 551 0.51 22.41 20.90
N VAL A 552 -0.58 23.06 21.30
CA VAL A 552 -0.56 24.48 21.64
C VAL A 552 -0.45 24.58 23.14
N GLN A 553 -1.19 23.70 23.82
CA GLN A 553 -1.22 23.72 25.28
C GLN A 553 0.12 23.34 25.86
N ARG A 554 0.78 22.39 25.23
CA ARG A 554 2.10 21.93 25.67
C ARG A 554 3.02 21.84 24.47
N THR A 555 4.00 22.73 24.40
CA THR A 555 4.88 22.76 23.23
C THR A 555 6.23 22.10 23.52
N THR A 556 6.93 21.65 22.49
CA THR A 556 8.32 21.21 22.59
C THR A 556 9.11 21.86 21.46
N PRO A 557 10.41 22.07 21.67
CA PRO A 557 11.22 22.70 20.60
C PRO A 557 11.18 21.87 19.32
N GLN A 558 11.21 20.55 19.48
CA GLN A 558 11.22 19.71 18.28
C GLN A 558 9.89 19.79 17.50
N THR A 559 8.75 19.82 18.19
CA THR A 559 7.45 19.92 17.46
C THR A 559 7.34 21.31 16.81
N LEU A 560 7.73 22.34 17.54
CA LEU A 560 7.64 23.69 16.98
C LEU A 560 8.61 23.84 15.82
N SER A 561 9.80 23.27 15.93
CA SER A 561 10.74 23.32 14.81
C SER A 561 10.19 22.64 13.57
N ASN A 562 9.62 21.47 13.77
CA ASN A 562 9.00 20.78 12.63
C ASN A 562 7.86 21.61 12.02
N LEU A 563 7.09 22.25 12.90
CA LEU A 563 6.03 23.11 12.42
C LEU A 563 6.60 24.22 11.53
N CYS A 564 7.68 24.85 11.95
CA CYS A 564 8.32 25.89 11.14
C CYS A 564 8.78 25.38 9.77
N LEU A 565 9.22 24.11 9.68
CA LEU A 565 9.59 23.53 8.40
C LEU A 565 8.44 23.64 7.42
N LYS A 566 7.24 23.33 7.91
CA LYS A 566 6.06 23.42 7.05
C LYS A 566 5.64 24.84 6.73
N ILE A 567 5.71 25.71 7.72
CA ILE A 567 5.30 27.09 7.47
C ILE A 567 6.23 27.77 6.45
N ASN A 568 7.54 27.59 6.60
CA ASN A 568 8.45 28.24 5.67
C ASN A 568 8.15 27.82 4.23
N VAL A 569 7.94 26.50 4.08
CA VAL A 569 7.62 25.90 2.78
C VAL A 569 6.32 26.42 2.19
N LYS A 570 5.29 26.48 3.02
CA LYS A 570 4.01 26.96 2.55
C LYS A 570 4.04 28.42 2.08
N LEU A 571 4.95 29.20 2.64
CA LEU A 571 5.04 30.62 2.38
C LEU A 571 6.09 30.93 1.29
N GLY A 572 6.63 29.86 0.71
CA GLY A 572 7.50 29.98 -0.47
C GLY A 572 8.98 29.88 -0.18
N GLY A 573 9.35 29.53 1.04
CA GLY A 573 10.78 29.49 1.41
C GLY A 573 11.48 28.24 0.94
N VAL A 574 12.80 28.26 1.09
CA VAL A 574 13.66 27.11 0.74
C VAL A 574 14.31 26.65 2.01
N ASN A 575 13.92 25.51 2.53
CA ASN A 575 14.41 25.13 3.88
C ASN A 575 15.92 24.85 3.86
N ASN A 576 16.34 24.08 2.86
CA ASN A 576 17.74 23.74 2.72
C ASN A 576 17.91 23.20 1.31
N ILE A 577 19.17 23.03 0.90
CA ILE A 577 19.43 22.45 -0.44
C ILE A 577 20.52 21.39 -0.34
N LEU A 578 20.51 20.45 -1.28
CA LEU A 578 21.67 19.57 -1.39
C LEU A 578 22.93 20.39 -1.60
N LEU A 579 24.04 19.98 -0.98
CA LEU A 579 25.31 20.65 -1.25
C LEU A 579 25.56 20.67 -2.76
N PRO A 580 25.64 21.87 -3.36
CA PRO A 580 25.58 21.90 -4.82
C PRO A 580 26.69 21.06 -5.48
N GLN A 581 27.92 21.21 -4.98
CA GLN A 581 29.01 20.50 -5.62
C GLN A 581 29.02 18.98 -5.35
N GLY A 582 28.17 18.50 -4.43
CA GLY A 582 28.10 17.09 -4.12
C GLY A 582 27.09 16.34 -4.96
N ARG A 583 26.36 17.06 -5.82
CA ARG A 583 25.30 16.44 -6.63
C ARG A 583 25.88 15.68 -7.82
N PRO A 584 25.16 14.66 -8.30
CA PRO A 584 25.61 13.96 -9.51
C PRO A 584 25.57 14.86 -10.73
N PRO A 585 26.24 14.43 -11.80
CA PRO A 585 26.47 15.28 -12.98
C PRO A 585 25.23 15.61 -13.80
N VAL A 586 24.12 14.91 -13.58
CA VAL A 586 22.88 15.21 -14.26
C VAL A 586 22.49 16.69 -14.03
N PHE A 587 22.92 17.27 -12.90
CA PHE A 587 22.59 18.67 -12.64
C PHE A 587 23.33 19.73 -13.44
N GLN A 588 24.32 19.30 -14.24
CA GLN A 588 25.05 20.26 -15.08
C GLN A 588 24.19 20.87 -16.19
N GLN A 589 23.05 20.26 -16.50
CA GLN A 589 22.11 20.80 -17.50
C GLN A 589 20.73 20.85 -16.83
N PRO A 590 19.81 21.67 -17.37
CA PRO A 590 18.50 21.73 -16.72
C PRO A 590 17.77 20.41 -16.74
N VAL A 591 17.22 20.04 -15.59
CA VAL A 591 16.52 18.78 -15.45
C VAL A 591 15.33 19.03 -14.51
N ILE A 592 14.23 18.39 -14.84
CA ILE A 592 13.05 18.41 -13.96
C ILE A 592 12.81 17.01 -13.38
N PHE A 593 12.47 16.96 -12.11
CA PHE A 593 12.17 15.72 -11.41
C PHE A 593 10.68 15.67 -11.20
N LEU A 594 10.03 14.62 -11.67
CA LEU A 594 8.59 14.43 -11.49
C LEU A 594 8.36 13.31 -10.51
N GLY A 595 7.30 13.42 -9.73
CA GLY A 595 6.89 12.31 -8.87
C GLY A 595 5.42 12.06 -9.17
N ALA A 596 5.01 10.80 -9.27
CA ALA A 596 3.63 10.52 -9.66
C ALA A 596 3.07 9.38 -8.87
N ASP A 597 1.80 9.50 -8.45
CA ASP A 597 1.16 8.45 -7.69
C ASP A 597 -0.29 8.41 -8.04
N VAL A 598 -0.87 7.21 -8.00
CA VAL A 598 -2.34 7.10 -7.96
C VAL A 598 -2.72 6.49 -6.64
N THR A 599 -3.77 7.04 -6.00
CA THR A 599 -4.26 6.48 -4.74
C THR A 599 -5.68 5.98 -4.98
N HIS A 600 -5.92 4.72 -4.62
CA HIS A 600 -7.19 4.07 -4.85
C HIS A 600 -8.07 4.09 -3.60
N PRO A 601 -9.37 3.95 -3.81
CA PRO A 601 -10.26 4.02 -2.65
C PRO A 601 -10.14 2.75 -1.79
N PRO A 602 -10.64 2.82 -0.54
CA PRO A 602 -10.53 1.76 0.47
C PRO A 602 -11.21 0.46 0.07
N ALA A 603 -10.78 -0.64 0.69
CA ALA A 603 -11.42 -1.96 0.47
C ALA A 603 -12.91 -1.85 0.53
N GLY A 604 -13.60 -2.54 -0.38
CA GLY A 604 -15.05 -2.63 -0.32
C GLY A 604 -15.77 -1.51 -1.03
N ASP A 605 -15.04 -0.44 -1.31
CA ASP A 605 -15.66 0.71 -1.95
C ASP A 605 -15.92 0.41 -3.43
N GLY A 606 -17.08 0.83 -3.91
CA GLY A 606 -17.44 0.51 -5.28
C GLY A 606 -17.55 1.65 -6.26
N LYS A 607 -17.54 2.88 -5.78
CA LYS A 607 -17.80 3.99 -6.69
C LYS A 607 -16.85 5.17 -6.58
N LYS A 608 -15.97 5.20 -5.58
CA LYS A 608 -15.17 6.41 -5.43
C LYS A 608 -14.12 6.50 -6.54
N PRO A 609 -13.70 7.72 -6.84
CA PRO A 609 -12.67 7.83 -7.88
C PRO A 609 -11.34 7.38 -7.38
N SER A 610 -10.48 6.96 -8.32
CA SER A 610 -9.05 7.00 -7.95
C SER A 610 -8.48 8.42 -8.19
N ILE A 611 -7.44 8.77 -7.45
CA ILE A 611 -6.87 10.12 -7.53
C ILE A 611 -5.44 10.00 -8.07
N ALA A 612 -5.16 10.74 -9.15
CA ALA A 612 -3.80 10.80 -9.72
C ALA A 612 -3.14 12.12 -9.34
N ALA A 613 -1.88 12.04 -8.92
CA ALA A 613 -1.17 13.26 -8.54
C ALA A 613 0.20 13.24 -9.16
N VAL A 614 0.62 14.38 -9.69
CA VAL A 614 1.95 14.49 -10.29
C VAL A 614 2.57 15.80 -9.86
N VAL A 615 3.81 15.74 -9.32
CA VAL A 615 4.47 16.98 -8.90
C VAL A 615 5.74 17.14 -9.71
N GLY A 616 6.21 18.37 -9.81
CA GLY A 616 7.44 18.59 -10.59
C GLY A 616 8.32 19.61 -9.89
N SER A 617 9.64 19.39 -9.92
CA SER A 617 10.56 20.32 -9.31
C SER A 617 10.55 21.65 -10.10
N MET A 618 10.90 22.71 -9.41
CA MET A 618 10.74 24.07 -9.95
C MET A 618 11.98 24.92 -9.76
N ASP A 619 13.09 24.27 -9.39
CA ASP A 619 14.37 24.97 -9.26
C ASP A 619 15.50 23.98 -9.48
N ALA A 620 16.75 24.45 -9.45
CA ALA A 620 17.85 23.57 -9.72
C ALA A 620 18.39 22.85 -8.48
N HIS A 621 17.78 23.04 -7.32
CA HIS A 621 18.46 22.61 -6.08
C HIS A 621 18.54 21.09 -5.90
N PRO A 622 17.44 20.32 -6.11
CA PRO A 622 16.04 20.69 -6.35
C PRO A 622 15.28 20.69 -5.04
N ASN A 623 14.48 21.73 -4.81
CA ASN A 623 13.78 21.86 -3.53
C ASN A 623 12.30 22.17 -3.70
N ARG A 624 11.99 23.24 -4.43
CA ARG A 624 10.58 23.65 -4.55
C ARG A 624 9.87 22.78 -5.57
N TYR A 625 8.60 22.47 -5.33
CA TYR A 625 7.77 21.67 -6.24
C TYR A 625 6.43 22.33 -6.50
N CYS A 626 5.87 22.12 -7.68
CA CYS A 626 4.43 22.46 -7.92
C CYS A 626 3.67 21.14 -8.13
N ALA A 627 2.35 21.20 -7.91
CA ALA A 627 1.51 20.01 -7.99
C ALA A 627 0.43 20.08 -9.04
N THR A 628 0.05 18.91 -9.54
CA THR A 628 -1.15 18.76 -10.36
C THR A 628 -1.90 17.56 -9.80
N VAL A 629 -3.23 17.57 -9.96
CA VAL A 629 -4.03 16.46 -9.43
C VAL A 629 -5.28 16.26 -10.25
N ARG A 630 -5.73 15.02 -10.38
CA ARG A 630 -6.96 14.69 -11.11
C ARG A 630 -7.73 13.60 -10.42
N VAL A 631 -9.06 13.62 -10.59
CA VAL A 631 -9.86 12.42 -10.34
C VAL A 631 -9.96 11.60 -11.59
N GLN A 632 -10.00 10.27 -11.41
CA GLN A 632 -10.13 9.41 -12.58
C GLN A 632 -10.85 8.12 -12.22
N GLN A 633 -11.02 7.27 -13.23
CA GLN A 633 -11.81 6.05 -13.07
C GLN A 633 -11.44 5.24 -11.83
N HIS A 634 -12.48 4.73 -11.20
CA HIS A 634 -12.37 3.89 -10.03
C HIS A 634 -11.40 2.72 -10.24
N ARG A 635 -10.34 2.72 -9.45
CA ARG A 635 -9.30 1.68 -9.39
C ARG A 635 -8.50 1.52 -10.65
N GLN A 636 -8.44 2.57 -11.47
CA GLN A 636 -7.53 2.60 -12.62
C GLN A 636 -6.15 3.12 -12.21
N GLU A 637 -5.10 2.31 -12.43
CA GLU A 637 -3.75 2.73 -12.09
C GLU A 637 -3.12 3.66 -13.13
N ILE A 638 -3.38 3.44 -14.41
CA ILE A 638 -2.81 4.34 -15.41
C ILE A 638 -3.27 5.80 -15.21
N ILE A 639 -2.34 6.75 -15.24
CA ILE A 639 -2.73 8.17 -15.06
C ILE A 639 -3.32 8.71 -16.36
N GLN A 640 -4.65 8.84 -16.38
CA GLN A 640 -5.35 9.07 -17.63
C GLN A 640 -4.94 10.40 -18.27
N ASP A 641 -4.84 11.44 -17.45
CA ASP A 641 -4.63 12.82 -18.00
C ASP A 641 -3.19 13.25 -17.84
N LEU A 642 -2.26 12.29 -17.88
CA LEU A 642 -0.85 12.62 -17.57
C LEU A 642 -0.27 13.66 -18.52
N ALA A 643 -0.62 13.60 -19.80
CA ALA A 643 -0.02 14.56 -20.75
C ALA A 643 -0.34 16.00 -20.35
N ALA A 644 -1.59 16.25 -20.03
CA ALA A 644 -2.00 17.60 -19.61
C ALA A 644 -1.27 18.03 -18.33
N MET A 645 -1.13 17.12 -17.37
CA MET A 645 -0.48 17.38 -16.09
C MET A 645 1.01 17.71 -16.32
N VAL A 646 1.69 16.92 -17.16
CA VAL A 646 3.11 17.19 -17.40
C VAL A 646 3.27 18.53 -18.12
N ARG A 647 2.38 18.85 -19.05
CA ARG A 647 2.46 20.12 -19.78
C ARG A 647 2.40 21.25 -18.78
N GLU A 648 1.43 21.16 -17.85
CA GLU A 648 1.31 22.22 -16.85
C GLU A 648 2.62 22.39 -16.08
N LEU A 649 3.22 21.27 -15.70
CA LEU A 649 4.44 21.37 -14.90
C LEU A 649 5.64 21.89 -15.72
N LEU A 650 5.75 21.49 -16.98
CA LEU A 650 6.80 22.01 -17.80
C LEU A 650 6.69 23.51 -17.98
N ILE A 651 5.47 23.99 -18.19
CA ILE A 651 5.25 25.41 -18.34
C ILE A 651 5.66 26.17 -17.06
N GLN A 652 5.23 25.66 -15.92
CA GLN A 652 5.60 26.30 -14.66
C GLN A 652 7.11 26.21 -14.40
N PHE A 653 7.76 25.09 -14.77
CA PHE A 653 9.22 25.01 -14.62
C PHE A 653 9.91 26.13 -15.42
N TYR A 654 9.48 26.35 -16.66
CA TYR A 654 10.11 27.38 -17.50
C TYR A 654 9.82 28.74 -16.89
N LYS A 655 8.62 28.95 -16.35
CA LYS A 655 8.28 30.27 -15.78
C LYS A 655 9.17 30.55 -14.54
N SER A 656 9.41 29.51 -13.74
CA SER A 656 10.20 29.61 -12.50
C SER A 656 11.69 29.72 -12.75
N THR A 657 12.22 28.96 -13.72
CA THR A 657 13.67 28.90 -13.95
C THR A 657 14.20 29.56 -15.21
N ARG A 658 13.31 29.85 -16.16
CA ARG A 658 13.68 30.30 -17.51
C ARG A 658 14.62 29.36 -18.24
N PHE A 659 14.56 28.08 -17.85
CA PHE A 659 15.15 26.99 -18.59
C PHE A 659 14.09 25.99 -19.08
N LYS A 660 14.37 25.39 -20.23
CA LYS A 660 13.64 24.21 -20.68
C LYS A 660 14.44 22.97 -20.30
N PRO A 661 13.84 22.03 -19.56
CA PRO A 661 14.57 20.83 -19.12
C PRO A 661 15.17 20.11 -20.30
N THR A 662 16.43 19.68 -20.17
CA THR A 662 16.97 18.79 -21.20
C THR A 662 16.69 17.31 -20.84
N ARG A 663 16.26 17.07 -19.61
CA ARG A 663 15.98 15.71 -19.11
C ARG A 663 14.77 15.74 -18.21
N ILE A 664 13.96 14.69 -18.27
CA ILE A 664 12.81 14.53 -17.38
C ILE A 664 13.02 13.25 -16.61
N ILE A 665 13.08 13.33 -15.28
CA ILE A 665 13.29 12.12 -14.47
C ILE A 665 11.98 11.84 -13.73
N PHE A 666 11.32 10.73 -14.08
CA PHE A 666 9.92 10.49 -13.65
C PHE A 666 9.92 9.35 -12.66
N TYR A 667 9.70 9.66 -11.39
CA TYR A 667 9.56 8.61 -10.35
C TYR A 667 8.09 8.27 -10.22
N ARG A 668 7.76 7.04 -10.54
CA ARG A 668 6.36 6.62 -10.59
C ARG A 668 6.09 5.62 -9.51
N ASP A 669 5.24 5.99 -8.56
CA ASP A 669 5.05 5.12 -7.37
C ASP A 669 4.01 4.07 -7.59
N GLY A 670 4.31 2.86 -7.14
CA GLY A 670 3.21 1.94 -6.83
C GLY A 670 2.69 1.01 -7.91
N VAL A 671 3.44 0.90 -8.99
CA VAL A 671 3.04 0.05 -10.10
C VAL A 671 3.64 -1.35 -9.93
N SER A 672 2.81 -2.39 -9.96
CA SER A 672 3.35 -3.75 -9.79
C SER A 672 3.94 -4.25 -11.09
N GLU A 673 4.77 -5.31 -11.02
CA GLU A 673 5.42 -5.81 -12.21
C GLU A 673 4.45 -6.23 -13.30
N GLY A 674 3.28 -6.73 -12.92
CA GLY A 674 2.31 -7.16 -13.90
C GLY A 674 1.60 -6.01 -14.62
N GLN A 675 1.95 -4.80 -14.26
CA GLN A 675 1.38 -3.59 -14.89
C GLN A 675 2.46 -2.73 -15.56
N PHE A 676 3.73 -3.14 -15.49
CA PHE A 676 4.80 -2.30 -16.03
C PHE A 676 4.54 -1.92 -17.49
N GLN A 677 4.23 -2.89 -18.35
CA GLN A 677 4.09 -2.58 -19.77
C GLN A 677 2.87 -1.71 -20.09
N GLN A 678 1.74 -1.99 -19.47
CA GLN A 678 0.55 -1.20 -19.72
C GLN A 678 0.78 0.23 -19.26
N VAL A 679 1.38 0.41 -18.10
CA VAL A 679 1.57 1.76 -17.56
C VAL A 679 2.64 2.47 -18.38
N LEU A 680 3.73 1.80 -18.70
CA LEU A 680 4.79 2.46 -19.46
C LEU A 680 4.28 2.89 -20.82
N HIS A 681 3.54 2.01 -21.45
CA HIS A 681 3.03 2.34 -22.78
C HIS A 681 2.23 3.65 -22.79
N HIS A 682 1.27 3.79 -21.87
CA HIS A 682 0.46 5.01 -21.83
C HIS A 682 1.27 6.20 -21.33
N GLU A 683 2.01 6.00 -20.26
CA GLU A 683 2.59 7.15 -19.56
C GLU A 683 3.85 7.68 -20.18
N LEU A 684 4.69 6.82 -20.73
CA LEU A 684 5.83 7.33 -21.48
C LEU A 684 5.36 8.13 -22.68
N LEU A 685 4.33 7.63 -23.39
CA LEU A 685 3.89 8.38 -24.55
C LEU A 685 3.20 9.69 -24.11
N ALA A 686 2.55 9.70 -22.94
CA ALA A 686 1.90 10.93 -22.47
C ALA A 686 2.96 12.00 -22.17
N ILE A 687 4.11 11.59 -21.61
CA ILE A 687 5.18 12.54 -21.34
C ILE A 687 5.71 13.07 -22.67
N ARG A 688 5.94 12.17 -23.64
CA ARG A 688 6.38 12.64 -24.94
C ARG A 688 5.38 13.62 -25.56
N GLU A 689 4.08 13.27 -25.47
CA GLU A 689 3.01 14.09 -26.00
C GLU A 689 3.05 15.50 -25.40
N ALA A 690 3.28 15.58 -24.09
CA ALA A 690 3.32 16.91 -23.47
C ALA A 690 4.47 17.74 -24.08
N CYS A 691 5.60 17.08 -24.31
CA CYS A 691 6.76 17.78 -24.89
C CYS A 691 6.49 18.24 -26.31
N ILE A 692 5.96 17.33 -27.14
CA ILE A 692 5.72 17.63 -28.56
C ILE A 692 4.71 18.76 -28.76
N LYS A 693 3.68 18.76 -27.94
CA LYS A 693 2.67 19.78 -28.07
C LYS A 693 3.13 21.13 -27.52
N LEU A 694 4.18 21.16 -26.71
CA LEU A 694 4.74 22.44 -26.28
C LEU A 694 5.59 23.10 -27.34
N GLU A 695 6.41 22.30 -28.02
CA GLU A 695 7.39 22.84 -28.93
C GLU A 695 7.86 21.76 -29.89
N LYS A 696 7.85 22.10 -31.18
CA LYS A 696 8.28 21.13 -32.16
C LYS A 696 9.77 20.84 -31.91
N ASP A 697 10.10 19.58 -32.07
CA ASP A 697 11.46 19.12 -31.87
C ASP A 697 11.95 19.25 -30.40
N TYR A 698 11.06 19.58 -29.48
CA TYR A 698 11.45 19.54 -28.08
C TYR A 698 11.37 18.08 -27.60
N GLN A 699 12.53 17.46 -27.39
CA GLN A 699 12.59 16.03 -27.12
C GLN A 699 13.56 15.70 -26.00
N PRO A 700 13.28 16.17 -24.79
CA PRO A 700 14.23 15.90 -23.71
C PRO A 700 14.30 14.40 -23.41
N GLY A 701 15.44 13.96 -22.92
CA GLY A 701 15.58 12.56 -22.56
C GLY A 701 14.73 12.20 -21.35
N ILE A 702 13.99 11.11 -21.42
CA ILE A 702 13.15 10.66 -20.30
C ILE A 702 13.73 9.45 -19.59
N THR A 703 13.80 9.51 -18.25
CA THR A 703 14.10 8.30 -17.45
C THR A 703 12.86 8.01 -16.63
N PHE A 704 12.32 6.80 -16.78
CA PHE A 704 11.05 6.40 -16.17
C PHE A 704 11.37 5.34 -15.14
N ILE A 705 11.15 5.63 -13.85
CA ILE A 705 11.56 4.73 -12.78
C ILE A 705 10.34 4.38 -11.93
N VAL A 706 10.02 3.11 -11.77
CA VAL A 706 8.93 2.74 -10.88
C VAL A 706 9.51 2.59 -9.48
N VAL A 707 8.85 3.19 -8.50
CA VAL A 707 9.22 3.03 -7.12
C VAL A 707 8.16 2.18 -6.45
N GLN A 708 8.61 1.15 -5.81
CA GLN A 708 7.71 0.27 -5.05
CA GLN A 708 7.69 0.30 -5.10
C GLN A 708 8.14 -0.13 -3.49
N LYS A 709 7.44 0.64 -2.72
CA LYS A 709 7.55 0.51 -1.30
C LYS A 709 6.94 -0.77 -0.79
N ARG A 710 5.83 -1.17 -1.35
CA ARG A 710 5.12 -2.32 -0.89
C ARG A 710 5.36 -3.50 -1.82
N HIS A 711 6.26 -4.35 -1.37
CA HIS A 711 6.58 -5.60 -2.00
C HIS A 711 7.00 -6.47 -0.83
N HIS A 712 7.48 -7.68 -1.12
CA HIS A 712 7.71 -8.67 -0.08
C HIS A 712 9.17 -9.00 0.12
N THR A 713 10.05 -8.13 -0.35
CA THR A 713 11.49 -8.34 -0.11
C THR A 713 11.97 -7.66 1.18
N ARG A 714 12.62 -8.42 2.05
CA ARG A 714 13.17 -7.85 3.26
C ARG A 714 14.64 -8.21 3.31
N LEU A 715 15.43 -7.23 3.77
CA LEU A 715 16.89 -7.36 3.93
C LEU A 715 17.25 -7.26 5.40
N PHE A 716 18.18 -8.09 5.85
CA PHE A 716 18.58 -8.13 7.23
C PHE A 716 20.10 -8.08 7.31
N CYS A 717 20.63 -7.44 8.34
CA CYS A 717 22.08 -7.55 8.59
C CYS A 717 22.48 -8.99 8.89
N THR A 718 23.53 -9.46 8.22
CA THR A 718 24.12 -10.73 8.60
C THR A 718 24.81 -10.66 9.97
N ASP A 719 25.55 -9.58 10.16
CA ASP A 719 26.37 -9.39 11.35
C ASP A 719 25.59 -8.59 12.37
N LYS A 720 25.50 -9.12 13.59
CA LYS A 720 24.77 -8.41 14.66
C LYS A 720 25.31 -7.01 14.89
N ASN A 721 26.61 -6.81 14.76
CA ASN A 721 27.13 -5.47 14.99
C ASN A 721 26.78 -4.43 13.94
N GLU A 722 26.10 -4.83 12.87
CA GLU A 722 25.60 -3.84 11.93
C GLU A 722 24.18 -3.40 12.21
N ARG A 723 23.48 -4.11 13.09
CA ARG A 723 22.06 -3.80 13.33
C ARG A 723 21.94 -2.42 13.99
N VAL A 724 21.08 -1.57 13.46
CA VAL A 724 20.99 -0.23 13.94
C VAL A 724 19.79 -0.08 14.88
N GLY A 725 20.03 0.41 16.08
CA GLY A 725 18.96 0.80 16.99
C GLY A 725 18.16 -0.35 17.58
N LYS A 726 17.07 0.00 18.27
CA LYS A 726 16.26 -0.99 18.98
C LYS A 726 15.62 -1.99 18.01
N SER A 727 15.25 -1.50 16.82
CA SER A 727 14.59 -2.32 15.80
C SER A 727 15.56 -3.19 15.02
N GLY A 728 16.84 -2.85 15.11
CA GLY A 728 17.90 -3.72 14.54
C GLY A 728 17.92 -3.81 13.02
N ASN A 729 17.56 -2.73 12.36
CA ASN A 729 17.52 -2.73 10.90
C ASN A 729 18.86 -2.40 10.20
N ILE A 730 18.89 -2.68 8.93
CA ILE A 730 19.97 -2.22 8.07
C ILE A 730 20.07 -0.70 8.12
N PRO A 731 21.26 -0.16 7.89
CA PRO A 731 21.42 1.29 7.97
C PRO A 731 20.89 2.02 6.76
N ALA A 732 20.50 3.27 6.98
CA ALA A 732 20.12 4.12 5.85
C ALA A 732 21.21 4.20 4.80
N GLY A 733 20.79 4.04 3.55
CA GLY A 733 21.70 4.07 2.38
C GLY A 733 22.08 2.69 1.88
N THR A 734 21.59 1.63 2.53
CA THR A 734 21.85 0.26 2.09
C THR A 734 21.25 0.01 0.70
N THR A 735 22.12 -0.38 -0.24
CA THR A 735 21.76 -0.51 -1.65
C THR A 735 22.08 -1.91 -2.13
N VAL A 736 21.15 -2.55 -2.84
CA VAL A 736 21.41 -3.90 -3.40
C VAL A 736 21.06 -3.91 -4.88
N ASP A 737 22.03 -4.23 -5.73
CA ASP A 737 21.70 -4.36 -7.14
C ASP A 737 22.29 -5.62 -7.74
N THR A 738 22.60 -6.59 -6.86
CA THR A 738 23.11 -7.87 -7.29
C THR A 738 22.31 -9.01 -6.68
N LYS A 739 22.47 -10.18 -7.30
CA LYS A 739 22.05 -11.46 -6.78
C LYS A 739 20.55 -11.69 -6.79
N ILE A 740 19.79 -10.82 -6.13
CA ILE A 740 18.36 -11.00 -5.98
C ILE A 740 17.57 -10.09 -6.89
N THR A 741 18.27 -9.31 -7.72
CA THR A 741 17.58 -8.36 -8.60
C THR A 741 17.41 -9.01 -10.00
N HIS A 742 16.88 -8.24 -10.94
CA HIS A 742 16.45 -8.81 -12.21
C HIS A 742 17.62 -9.36 -13.06
N PRO A 743 17.41 -10.48 -13.76
CA PRO A 743 18.54 -11.07 -14.49
C PRO A 743 19.04 -10.24 -15.66
N THR A 744 18.21 -9.34 -16.24
CA THR A 744 18.68 -8.56 -17.38
C THR A 744 18.42 -7.05 -17.29
N GLU A 745 17.42 -6.67 -16.50
CA GLU A 745 16.96 -5.28 -16.50
C GLU A 745 17.64 -4.48 -15.40
N PHE A 746 17.29 -3.20 -15.32
CA PHE A 746 18.02 -2.23 -14.50
C PHE A 746 17.16 -1.93 -13.26
N ASP A 747 17.42 -2.64 -12.16
CA ASP A 747 16.61 -2.44 -10.95
C ASP A 747 17.50 -2.54 -9.72
N PHE A 748 17.07 -1.92 -8.63
CA PHE A 748 17.86 -2.02 -7.40
C PHE A 748 16.97 -1.76 -6.21
N TYR A 749 17.40 -2.27 -5.05
CA TYR A 749 16.76 -1.89 -3.79
C TYR A 749 17.62 -0.80 -3.16
N LEU A 750 16.97 0.17 -2.55
CA LEU A 750 17.67 1.20 -1.76
C LEU A 750 16.86 1.46 -0.52
N CYS A 751 17.42 1.13 0.64
CA CYS A 751 16.74 1.42 1.91
C CYS A 751 17.31 2.76 2.32
N SER A 752 16.58 3.84 2.00
CA SER A 752 17.12 5.19 2.16
C SER A 752 16.95 5.72 3.57
N HIS A 753 16.13 5.06 4.39
CA HIS A 753 15.74 5.65 5.67
C HIS A 753 16.24 4.89 6.85
N ALA A 754 16.31 5.57 8.00
CA ALA A 754 16.55 4.92 9.27
C ALA A 754 15.31 4.17 9.72
N GLY A 755 15.49 2.91 10.08
CA GLY A 755 14.40 2.13 10.60
C GLY A 755 14.13 2.40 12.07
N ILE A 756 12.95 2.90 12.39
CA ILE A 756 12.65 3.20 13.79
C ILE A 756 12.05 2.01 14.50
N GLN A 757 11.11 1.34 13.82
CA GLN A 757 10.40 0.25 14.45
C GLN A 757 10.13 -0.82 13.42
N GLY A 758 10.02 -2.06 13.89
CA GLY A 758 9.65 -3.14 13.01
C GLY A 758 10.77 -3.44 12.05
N THR A 759 10.43 -3.96 10.89
CA THR A 759 11.39 -4.27 9.84
C THR A 759 11.25 -3.27 8.71
N SER A 760 12.32 -2.58 8.34
CA SER A 760 12.28 -1.62 7.27
C SER A 760 11.88 -2.24 5.94
N ARG A 761 11.03 -1.53 5.20
CA ARG A 761 10.80 -1.87 3.79
C ARG A 761 11.85 -1.21 2.92
N PRO A 762 12.70 -2.00 2.27
CA PRO A 762 13.68 -1.38 1.37
C PRO A 762 12.98 -1.02 0.04
N SER A 763 12.92 0.26 -0.31
CA SER A 763 12.19 0.59 -1.55
C SER A 763 12.89 0.00 -2.75
N HIS A 764 12.09 -0.39 -3.74
CA HIS A 764 12.62 -1.01 -4.95
C HIS A 764 12.44 -0.03 -6.10
N TYR A 765 13.41 0.03 -7.00
CA TYR A 765 13.41 0.98 -8.12
C TYR A 765 13.62 0.16 -9.36
N HIS A 766 12.70 0.29 -10.34
CA HIS A 766 12.84 -0.48 -11.60
C HIS A 766 12.82 0.54 -12.74
N VAL A 767 13.91 0.59 -13.52
CA VAL A 767 14.00 1.56 -14.60
C VAL A 767 13.31 0.98 -15.84
N LEU A 768 12.17 1.54 -16.19
CA LEU A 768 11.44 1.01 -17.34
C LEU A 768 11.87 1.67 -18.65
N TRP A 769 12.50 2.84 -18.57
CA TRP A 769 12.94 3.55 -19.78
C TRP A 769 14.05 4.47 -19.39
N ASP A 770 15.08 4.59 -20.24
CA ASP A 770 16.14 5.55 -19.87
C ASP A 770 16.89 6.09 -21.09
N ASP A 771 16.31 7.14 -21.69
CA ASP A 771 17.03 7.87 -22.74
C ASP A 771 18.36 8.48 -22.29
N ASN A 772 18.48 8.72 -21.00
CA ASN A 772 19.63 9.44 -20.48
C ASN A 772 20.82 8.54 -20.15
N ARG A 773 20.64 7.23 -20.27
CA ARG A 773 21.75 6.26 -20.11
C ARG A 773 22.55 6.48 -18.82
N PHE A 774 21.84 6.54 -17.72
CA PHE A 774 22.48 6.60 -16.41
C PHE A 774 23.30 5.37 -16.17
N SER A 775 24.46 5.59 -15.54
CA SER A 775 25.12 4.48 -14.89
C SER A 775 24.36 4.08 -13.60
N SER A 776 24.61 2.87 -13.11
N SER A 776 24.58 2.86 -13.10
CA SER A 776 23.96 2.44 -11.88
CA SER A 776 23.88 2.48 -11.88
C SER A 776 24.34 3.36 -10.73
C SER A 776 24.33 3.36 -10.72
N ASP A 777 25.63 3.67 -10.62
CA ASP A 777 26.07 4.52 -9.51
C ASP A 777 25.38 5.88 -9.55
N GLU A 778 25.36 6.52 -10.71
CA GLU A 778 24.77 7.84 -10.77
C GLU A 778 23.26 7.79 -10.45
N LEU A 779 22.51 6.80 -10.94
CA LEU A 779 21.07 6.79 -10.64
C LEU A 779 20.80 6.44 -9.20
N GLN A 780 21.62 5.53 -8.65
CA GLN A 780 21.44 5.14 -7.26
C GLN A 780 21.72 6.30 -6.33
N ILE A 781 22.83 7.02 -6.58
CA ILE A 781 23.21 8.18 -5.77
C ILE A 781 22.17 9.30 -5.94
N LEU A 782 21.74 9.56 -7.17
CA LEU A 782 20.70 10.57 -7.40
C LEU A 782 19.47 10.25 -6.57
N THR A 783 19.01 9.02 -6.67
CA THR A 783 17.79 8.58 -5.94
C THR A 783 17.98 8.81 -4.43
N TYR A 784 19.13 8.38 -3.89
CA TYR A 784 19.36 8.58 -2.47
C TYR A 784 19.42 10.05 -2.11
N GLN A 785 20.10 10.90 -2.89
CA GLN A 785 20.16 12.32 -2.56
C GLN A 785 18.70 12.90 -2.57
N LEU A 786 17.87 12.48 -3.52
CA LEU A 786 16.49 13.04 -3.53
C LEU A 786 15.71 12.65 -2.29
N CYS A 787 16.08 11.58 -1.62
CA CYS A 787 15.42 11.23 -0.35
C CYS A 787 15.80 12.17 0.80
N HIS A 788 16.78 13.03 0.58
CA HIS A 788 17.23 13.99 1.59
C HIS A 788 16.71 15.38 1.30
N THR A 789 15.78 15.49 0.37
CA THR A 789 15.29 16.83 -0.02
C THR A 789 13.87 17.07 0.45
N TYR A 790 13.31 16.11 1.17
CA TYR A 790 11.94 16.24 1.67
C TYR A 790 11.83 17.24 2.80
N VAL A 791 10.97 18.24 2.62
CA VAL A 791 11.04 19.46 3.46
C VAL A 791 10.41 19.29 4.83
N ARG A 792 9.60 18.25 5.06
CA ARG A 792 8.88 18.17 6.33
C ARG A 792 9.69 17.61 7.48
N CYS A 793 10.93 17.17 7.25
CA CYS A 793 11.71 16.65 8.35
C CYS A 793 13.19 16.66 7.97
N THR A 794 14.04 16.73 8.98
CA THR A 794 15.51 16.64 8.76
C THR A 794 15.94 15.18 8.85
N ARG A 795 15.39 14.39 7.93
CA ARG A 795 15.67 12.97 7.85
C ARG A 795 15.64 12.54 6.42
N SER A 796 16.42 11.51 6.09
N SER A 796 16.38 11.48 6.08
CA SER A 796 16.25 10.85 4.81
CA SER A 796 16.24 10.87 4.77
C SER A 796 14.95 10.04 4.84
C SER A 796 15.03 9.94 4.72
N VAL A 797 14.07 10.23 3.86
CA VAL A 797 12.83 9.48 3.89
C VAL A 797 12.90 8.27 2.96
N SER A 798 11.86 7.44 3.05
CA SER A 798 11.95 6.07 2.46
C SER A 798 11.75 6.04 0.94
N ILE A 799 11.26 7.14 0.35
CA ILE A 799 11.15 7.25 -1.12
C ILE A 799 11.56 8.67 -1.50
N PRO A 800 11.90 8.91 -2.77
CA PRO A 800 12.37 10.24 -3.12
C PRO A 800 11.32 11.32 -2.83
N ALA A 801 11.78 12.51 -2.43
CA ALA A 801 10.82 13.61 -2.12
C ALA A 801 9.71 13.81 -3.21
N PRO A 802 10.03 13.79 -4.52
CA PRO A 802 8.91 13.97 -5.50
C PRO A 802 7.81 12.92 -5.38
N ALA A 803 8.18 11.65 -5.20
CA ALA A 803 7.18 10.62 -5.03
C ALA A 803 6.40 10.83 -3.73
N TYR A 804 7.09 11.20 -2.66
CA TYR A 804 6.40 11.41 -1.38
C TYR A 804 5.42 12.58 -1.52
N TYR A 805 5.87 13.67 -2.15
CA TYR A 805 4.92 14.79 -2.35
C TYR A 805 3.69 14.36 -3.16
N ALA A 806 3.85 13.53 -4.17
CA ALA A 806 2.68 13.09 -4.93
C ALA A 806 1.65 12.41 -4.03
N HIS A 807 2.12 11.58 -3.06
CA HIS A 807 1.20 11.00 -2.09
C HIS A 807 0.47 12.08 -1.29
N LEU A 808 1.23 13.09 -0.85
CA LEU A 808 0.57 14.13 -0.05
C LEU A 808 -0.48 14.89 -0.85
N VAL A 809 -0.19 15.13 -2.12
CA VAL A 809 -1.16 15.81 -3.01
C VAL A 809 -2.41 14.96 -3.18
N ALA A 810 -2.25 13.67 -3.41
CA ALA A 810 -3.41 12.78 -3.57
C ALA A 810 -4.22 12.72 -2.28
N PHE A 811 -3.52 12.66 -1.16
CA PHE A 811 -4.27 12.58 0.10
C PHE A 811 -5.01 13.88 0.39
N ARG A 812 -4.42 15.01 0.02
CA ARG A 812 -5.13 16.30 0.22
C ARG A 812 -6.38 16.35 -0.67
N ALA A 813 -6.28 15.87 -1.91
CA ALA A 813 -7.45 15.81 -2.81
C ALA A 813 -8.54 14.93 -2.21
N ARG A 814 -8.14 13.80 -1.58
CA ARG A 814 -9.12 12.96 -0.91
C ARG A 814 -9.85 13.75 0.19
N TYR A 815 -9.10 14.56 0.94
CA TYR A 815 -9.71 15.45 1.94
C TYR A 815 -10.65 16.45 1.34
N HIS A 816 -10.29 17.00 0.16
CA HIS A 816 -11.20 17.92 -0.50
C HIS A 816 -12.49 17.21 -0.98
N LEU A 817 -12.45 15.86 -1.09
CA LEU A 817 -13.59 15.07 -1.59
C LEU A 817 -14.42 14.40 -0.46
N VAL A 818 -14.09 14.62 0.81
CA VAL A 818 -14.85 13.92 1.87
C VAL A 818 -16.34 14.17 1.78
N ASP A 819 -17.11 13.07 1.68
CA ASP A 819 -18.57 13.04 1.57
C ASP A 819 -19.08 13.65 0.29
N LYS A 820 -18.17 13.97 -0.64
CA LYS A 820 -18.67 14.39 -1.95
C LYS A 820 -18.58 13.27 -2.98
N GLU A 821 -17.74 12.28 -2.72
CA GLU A 821 -17.53 11.17 -3.65
C GLU A 821 -18.46 9.99 -3.37
N GLY A 836 -20.59 12.06 -16.33
CA GLY A 836 -19.94 13.24 -16.88
C GLY A 836 -20.17 14.47 -16.03
N ARG A 837 -21.43 14.74 -15.69
CA ARG A 837 -21.76 15.76 -14.71
C ARG A 837 -21.16 15.34 -13.35
N ASP A 838 -21.17 14.03 -13.10
CA ASP A 838 -20.52 13.43 -11.93
C ASP A 838 -19.03 13.73 -11.94
N HIS A 839 -18.38 13.43 -13.04
CA HIS A 839 -16.93 13.63 -13.12
C HIS A 839 -16.58 15.09 -12.94
N GLN A 840 -17.34 15.95 -13.62
CA GLN A 840 -17.13 17.39 -13.48
C GLN A 840 -17.21 17.88 -12.06
N ALA A 841 -18.19 17.38 -11.30
CA ALA A 841 -18.32 17.83 -9.92
C ALA A 841 -17.11 17.42 -9.05
N LEU A 842 -16.63 16.19 -9.25
CA LEU A 842 -15.49 15.73 -8.46
C LEU A 842 -14.23 16.46 -8.87
N ALA A 843 -14.16 16.71 -10.18
CA ALA A 843 -13.00 17.43 -10.68
C ALA A 843 -12.93 18.87 -10.14
N LYS A 844 -14.07 19.54 -10.03
CA LYS A 844 -14.12 20.86 -9.45
C LYS A 844 -13.66 20.82 -8.02
N ALA A 845 -14.01 19.75 -7.30
CA ALA A 845 -13.69 19.73 -5.88
C ALA A 845 -12.20 19.70 -5.61
N VAL A 846 -11.44 19.09 -6.52
CA VAL A 846 -10.00 18.94 -6.25
C VAL A 846 -9.17 20.02 -6.91
N GLN A 847 -9.81 20.94 -7.65
CA GLN A 847 -9.09 22.03 -8.30
C GLN A 847 -8.78 23.14 -7.31
N VAL A 848 -7.48 23.39 -7.09
CA VAL A 848 -7.12 24.44 -6.14
C VAL A 848 -7.33 25.83 -6.77
N HIS A 849 -7.37 26.83 -5.92
CA HIS A 849 -7.49 28.23 -6.32
C HIS A 849 -6.32 28.65 -7.17
N GLN A 850 -6.55 29.65 -8.03
CA GLN A 850 -5.46 30.20 -8.85
C GLN A 850 -4.24 30.60 -8.01
N ASP A 851 -4.48 31.18 -6.83
CA ASP A 851 -3.35 31.61 -6.00
C ASP A 851 -2.65 30.45 -5.26
N THR A 852 -3.26 29.27 -5.27
CA THR A 852 -2.70 28.08 -4.64
C THR A 852 -1.90 27.25 -5.66
N LEU A 853 -2.17 27.48 -6.94
CA LEU A 853 -1.64 26.63 -7.99
C LEU A 853 -0.16 26.45 -7.93
N ARG A 854 0.55 27.54 -7.62
CA ARG A 854 2.02 27.54 -7.70
C ARG A 854 2.71 27.27 -6.37
N THR A 855 1.94 26.82 -5.40
CA THR A 855 2.40 26.70 -4.03
C THR A 855 2.61 25.27 -3.58
N MET A 856 3.24 25.14 -2.42
CA MET A 856 3.36 23.83 -1.79
C MET A 856 2.33 23.68 -0.65
N TYR A 857 1.09 23.90 -1.02
CA TYR A 857 -0.05 23.84 -0.09
C TYR A 857 -0.22 22.48 0.58
N PHE A 858 0.35 21.45 -0.07
CA PHE A 858 0.20 20.07 0.40
C PHE A 858 1.19 19.67 1.47
N ALA A 859 2.09 20.57 1.83
CA ALA A 859 3.12 20.25 2.81
C ALA A 859 2.55 20.23 4.20
MG MG D . -0.35 4.66 -5.39
C1 IPH E . 11.13 12.32 -26.27
C2 IPH E . 10.50 13.49 -25.81
C3 IPH E . 9.55 14.11 -26.61
C4 IPH E . 9.25 13.58 -27.86
C5 IPH E . 9.88 12.43 -28.32
C6 IPH E . 10.83 11.80 -27.53
O1 IPH E . 12.04 11.67 -25.48
C1 IPH F . 8.20 25.35 -22.88
C2 IPH F . 8.27 25.14 -21.51
C3 IPH F . 9.08 24.11 -21.05
C4 IPH F . 9.79 23.32 -21.97
C5 IPH F . 9.69 23.53 -23.34
C6 IPH F . 8.88 24.56 -23.79
O1 IPH F . 7.41 26.36 -23.34
C1 IPH G . 19.52 22.10 -13.12
C2 IPH G . 19.96 23.25 -13.77
C3 IPH G . 19.04 24.24 -14.15
C4 IPH G . 17.69 24.10 -13.90
C5 IPH G . 17.27 22.93 -13.24
C6 IPH G . 18.17 21.95 -12.88
O1 IPH G . 20.41 21.14 -12.76
C1 IPH H . -0.55 27.92 0.52
C2 IPH H . -0.21 29.16 -0.01
C3 IPH H . -1.15 29.91 -0.71
C4 IPH H . -2.43 29.39 -0.86
C5 IPH H . -2.77 28.14 -0.31
C6 IPH H . -1.83 27.41 0.40
O1 IPH H . 0.41 27.20 1.21
C1 IPA I . -11.44 -20.46 14.20
C2 IPA I . -10.99 -21.91 13.96
C3 IPA I . -10.94 -22.20 12.46
O2 IPA I . -9.69 -22.04 14.46
C1 IPA J . 1.91 -20.09 9.59
C2 IPA J . 1.65 -20.73 8.23
C3 IPA J . 2.10 -22.18 8.19
O2 IPA J . 0.27 -20.63 7.91
C1 IPA K . -15.89 17.70 2.85
C2 IPA K . -15.23 18.78 2.01
C3 IPA K . -16.20 19.95 1.87
O2 IPA K . -14.25 19.38 2.80
MG MG L . -8.03 -8.60 -11.03
C1 IPA M . -5.98 14.76 13.83
C2 IPA M . -6.20 13.32 13.35
C3 IPA M . -7.31 12.65 14.17
O2 IPA M . -6.61 13.35 12.01
C1 IPA N . -7.63 5.06 0.04
C2 IPA N . -6.72 4.03 0.69
C3 IPA N . -6.98 2.60 0.26
O2 IPA N . -5.41 4.37 0.29
MG MG O . -0.64 7.93 12.59
#